data_7AQT
#
_entry.id   7AQT
#
loop_
_entity.id
_entity.type
_entity.pdbx_description
1 polymer 'Bromodomain-containing protein 4'
2 non-polymer 2-[(4S)-6-(4-chlorophenyl)-8-methoxy-1-methyl-4H-[1,2,4]triazolo[4,3-a][1,4]benzodiazepin-4-yl]-N-ethylacetamide
#
_entity_poly.entity_id   1
_entity_poly.type   'polypeptide(L)'
_entity_poly.pdbx_seq_one_letter_code
;SEQLKCCSGILKEMFAKKHAAYAWPFYKPVDVEALGLHDYCDIIKHPMDMSTIKSKLEAREYRDAQEFGADVRLMFSNCY
KYNPPDHEVVAMARKLQDVFEMRFAKMPD
;
_entity_poly.pdbx_strand_id   A
#
# COMPACT_ATOMS: atom_id res chain seq x y z
N SER A 1 20.50 1.63 -4.62
CA SER A 1 19.94 1.19 -5.89
C SER A 1 19.47 -0.25 -5.81
N GLU A 2 20.37 -1.14 -5.36
CA GLU A 2 20.04 -2.55 -5.23
C GLU A 2 18.82 -2.75 -4.34
N GLN A 3 18.79 -2.02 -3.23
CA GLN A 3 17.68 -2.12 -2.28
C GLN A 3 16.37 -1.65 -2.93
N LEU A 4 16.47 -0.61 -3.75
CA LEU A 4 15.30 -0.06 -4.42
C LEU A 4 14.65 -1.10 -5.34
N LYS A 5 15.50 -1.87 -6.02
CA LYS A 5 15.02 -2.91 -6.93
C LYS A 5 14.19 -3.94 -6.18
N CYS A 6 14.60 -4.23 -4.95
CA CYS A 6 13.88 -5.21 -4.13
C CYS A 6 12.45 -4.76 -3.86
N CYS A 7 12.27 -3.46 -3.66
CA CYS A 7 10.95 -2.90 -3.40
C CYS A 7 9.96 -3.31 -4.48
N SER A 8 10.42 -3.31 -5.73
CA SER A 8 9.57 -3.68 -6.85
C SER A 8 9.09 -5.12 -6.73
N GLY A 9 9.97 -6.00 -6.27
CA GLY A 9 9.61 -7.39 -6.11
C GLY A 9 8.56 -7.60 -5.03
N ILE A 10 8.75 -6.95 -3.89
CA ILE A 10 7.81 -7.07 -2.78
C ILE A 10 6.42 -6.57 -3.18
N LEU A 11 6.38 -5.43 -3.87
CA LEU A 11 5.12 -4.85 -4.30
C LEU A 11 4.48 -5.70 -5.40
N LYS A 12 5.32 -6.29 -6.25
CA LYS A 12 4.83 -7.12 -7.34
C LYS A 12 4.10 -8.34 -6.80
N GLU A 13 4.62 -8.92 -5.72
CA GLU A 13 4.02 -10.09 -5.11
C GLU A 13 2.64 -9.76 -4.56
N MET A 14 2.54 -8.60 -3.91
CA MET A 14 1.27 -8.17 -3.32
C MET A 14 0.18 -8.09 -4.39
N PHE A 15 0.58 -7.81 -5.62
CA PHE A 15 -0.36 -7.71 -6.73
C PHE A 15 -0.70 -9.09 -7.28
N ALA A 16 0.20 -10.05 -7.07
CA ALA A 16 0.01 -11.41 -7.55
C ALA A 16 -1.36 -11.94 -7.15
N LYS A 17 -1.77 -13.04 -7.78
CA LYS A 17 -3.07 -13.65 -7.50
C LYS A 17 -3.01 -14.46 -6.20
N LYS A 18 -1.82 -14.53 -5.60
CA LYS A 18 -1.64 -15.27 -4.36
C LYS A 18 -2.22 -14.51 -3.18
N HIS A 19 -2.13 -13.19 -3.24
CA HIS A 19 -2.66 -12.35 -2.17
C HIS A 19 -3.77 -11.44 -2.68
N ALA A 20 -4.06 -11.55 -3.97
CA ALA A 20 -5.11 -10.75 -4.59
C ALA A 20 -6.46 -11.00 -3.92
N ALA A 21 -6.57 -12.13 -3.22
CA ALA A 21 -7.80 -12.49 -2.53
C ALA A 21 -8.14 -11.49 -1.43
N TYR A 22 -7.10 -10.90 -0.83
CA TYR A 22 -7.29 -9.93 0.23
C TYR A 22 -6.41 -8.70 0.00
N ALA A 23 -5.93 -8.55 -1.23
CA ALA A 23 -5.08 -7.42 -1.58
C ALA A 23 -5.63 -6.67 -2.79
N TRP A 24 -6.83 -7.07 -3.23
CA TRP A 24 -7.47 -6.43 -4.37
C TRP A 24 -8.02 -5.06 -4.01
N PRO A 25 -8.43 -4.91 -2.74
CA PRO A 25 -8.99 -3.65 -2.23
C PRO A 25 -7.93 -2.55 -2.13
N PHE A 26 -6.68 -2.92 -2.37
CA PHE A 26 -5.58 -1.96 -2.30
C PHE A 26 -4.88 -1.84 -3.65
N TYR A 27 -5.57 -2.23 -4.71
CA TYR A 27 -5.02 -2.17 -6.05
C TYR A 27 -5.06 -0.75 -6.60
N LYS A 28 -6.26 -0.18 -6.69
CA LYS A 28 -6.44 1.18 -7.18
C LYS A 28 -6.76 2.14 -6.04
N PRO A 29 -6.62 3.44 -6.31
CA PRO A 29 -6.88 4.49 -5.32
C PRO A 29 -8.38 4.63 -5.01
N VAL A 30 -8.70 4.76 -3.72
CA VAL A 30 -10.08 4.89 -3.30
C VAL A 30 -10.77 6.06 -3.99
N ASP A 31 -11.85 5.78 -4.70
CA ASP A 31 -12.59 6.82 -5.42
C ASP A 31 -13.72 7.36 -4.55
N VAL A 32 -13.45 8.48 -3.89
CA VAL A 32 -14.44 9.11 -3.02
C VAL A 32 -15.72 9.43 -3.79
N GLU A 33 -15.59 9.55 -5.12
CA GLU A 33 -16.73 9.86 -5.97
C GLU A 33 -17.46 8.58 -6.39
N ALA A 34 -16.71 7.67 -7.00
CA ALA A 34 -17.27 6.41 -7.45
C ALA A 34 -17.80 5.58 -6.28
N LEU A 35 -16.98 5.44 -5.25
CA LEU A 35 -17.36 4.67 -4.07
C LEU A 35 -18.47 5.39 -3.30
N GLY A 36 -18.50 6.71 -3.42
CA GLY A 36 -19.51 7.49 -2.73
C GLY A 36 -19.10 7.85 -1.31
N LEU A 37 -17.80 8.06 -1.11
CA LEU A 37 -17.28 8.40 0.22
C LEU A 37 -17.14 9.91 0.37
N HIS A 38 -18.18 10.55 0.88
CA HIS A 38 -18.17 11.99 1.08
C HIS A 38 -17.60 12.35 2.44
N ASP A 39 -16.77 11.46 2.98
CA ASP A 39 -16.16 11.68 4.29
C ASP A 39 -14.76 11.07 4.34
N TYR A 40 -14.21 10.76 3.16
CA TYR A 40 -12.88 10.18 3.07
C TYR A 40 -11.81 11.26 3.00
N CYS A 41 -12.14 12.36 2.34
CA CYS A 41 -11.20 13.47 2.20
C CYS A 41 -11.05 14.22 3.52
N ASP A 42 -12.13 14.30 4.28
CA ASP A 42 -12.11 14.98 5.57
C ASP A 42 -11.25 14.22 6.58
N ILE A 43 -11.31 12.89 6.51
CA ILE A 43 -10.54 12.05 7.42
C ILE A 43 -9.13 11.82 6.89
N ILE A 44 -9.04 11.32 5.67
CA ILE A 44 -7.74 11.06 5.05
C ILE A 44 -7.26 12.27 4.26
N LYS A 45 -6.10 12.78 4.63
CA LYS A 45 -5.52 13.94 3.96
C LYS A 45 -4.41 13.52 2.99
N HIS A 46 -3.71 12.44 3.35
CA HIS A 46 -2.62 11.93 2.52
C HIS A 46 -2.90 10.49 2.11
N PRO A 47 -3.78 10.31 1.12
CA PRO A 47 -4.15 8.97 0.62
C PRO A 47 -3.01 8.33 -0.16
N MET A 48 -3.12 7.02 -0.36
CA MET A 48 -2.11 6.27 -1.09
C MET A 48 -2.61 4.87 -1.45
N ASP A 49 -2.08 4.32 -2.55
CA ASP A 49 -2.48 2.99 -2.99
C ASP A 49 -1.29 2.26 -3.62
N MET A 50 -1.48 0.97 -3.89
CA MET A 50 -0.43 0.15 -4.48
C MET A 50 -0.09 0.65 -5.88
N SER A 51 -1.12 0.97 -6.66
CA SER A 51 -0.93 1.46 -8.02
C SER A 51 -0.07 2.71 -8.04
N THR A 52 -0.33 3.61 -7.10
CA THR A 52 0.43 4.85 -7.00
C THR A 52 1.88 4.59 -6.62
N ILE A 53 2.08 3.76 -5.61
CA ILE A 53 3.43 3.44 -5.15
C ILE A 53 4.26 2.81 -6.27
N LYS A 54 3.60 2.03 -7.12
CA LYS A 54 4.27 1.38 -8.24
C LYS A 54 4.74 2.41 -9.26
N SER A 55 3.90 3.41 -9.52
CA SER A 55 4.23 4.46 -10.48
C SER A 55 5.38 5.31 -9.97
N LYS A 56 5.39 5.56 -8.66
CA LYS A 56 6.44 6.37 -8.05
C LYS A 56 7.79 5.69 -8.16
N LEU A 57 7.80 4.35 -8.06
CA LEU A 57 9.03 3.58 -8.15
C LEU A 57 9.59 3.61 -9.58
N GLU A 58 8.68 3.60 -10.55
CA GLU A 58 9.08 3.63 -11.97
C GLU A 58 9.73 4.96 -12.32
N ALA A 59 9.25 6.04 -11.70
CA ALA A 59 9.78 7.36 -11.95
C ALA A 59 10.93 7.69 -11.00
N ARG A 60 11.42 6.66 -10.30
CA ARG A 60 12.52 6.83 -9.37
C ARG A 60 12.24 8.00 -8.41
N GLU A 61 11.03 8.03 -7.86
CA GLU A 61 10.64 9.09 -6.94
C GLU A 61 11.20 8.83 -5.54
N TYR A 62 11.25 7.56 -5.16
CA TYR A 62 11.76 7.17 -3.85
C TYR A 62 13.28 7.24 -3.82
N ARG A 63 13.81 7.85 -2.75
CA ARG A 63 15.25 7.99 -2.59
C ARG A 63 15.86 6.70 -2.03
N ASP A 64 15.25 6.19 -0.97
CA ASP A 64 15.73 4.96 -0.33
C ASP A 64 14.59 3.99 -0.10
N ALA A 65 14.92 2.79 0.37
CA ALA A 65 13.92 1.77 0.64
C ALA A 65 13.00 2.19 1.78
N GLN A 66 13.56 2.92 2.75
CA GLN A 66 12.78 3.38 3.90
C GLN A 66 11.58 4.21 3.45
N GLU A 67 11.81 5.10 2.49
CA GLU A 67 10.74 5.95 1.97
C GLU A 67 9.63 5.11 1.34
N PHE A 68 10.03 4.04 0.66
CA PHE A 68 9.08 3.15 0.01
C PHE A 68 8.13 2.53 1.03
N GLY A 69 8.65 2.20 2.19
CA GLY A 69 7.84 1.61 3.24
C GLY A 69 6.88 2.60 3.86
N ALA A 70 7.30 3.85 3.95
CA ALA A 70 6.47 4.90 4.53
C ALA A 70 5.12 4.99 3.82
N ASP A 71 5.15 4.88 2.49
CA ASP A 71 3.94 4.94 1.70
C ASP A 71 3.09 3.69 1.88
N VAL A 72 3.75 2.54 1.90
CA VAL A 72 3.07 1.26 2.06
C VAL A 72 2.29 1.22 3.39
N ARG A 73 2.94 1.69 4.46
CA ARG A 73 2.32 1.70 5.78
C ARG A 73 1.22 2.75 5.85
N LEU A 74 1.45 3.89 5.18
CA LEU A 74 0.48 4.97 5.17
C LEU A 74 -0.83 4.53 4.52
N MET A 75 -0.73 3.66 3.52
CA MET A 75 -1.90 3.16 2.82
C MET A 75 -2.78 2.34 3.75
N PHE A 76 -2.14 1.61 4.67
CA PHE A 76 -2.87 0.78 5.62
C PHE A 76 -3.44 1.63 6.76
N SER A 77 -2.67 2.62 7.18
CA SER A 77 -3.07 3.51 8.27
C SER A 77 -4.37 4.22 7.92
N ASN A 78 -4.47 4.71 6.68
CA ASN A 78 -5.66 5.41 6.22
C ASN A 78 -6.89 4.51 6.29
N CYS A 79 -6.67 3.22 6.06
CA CYS A 79 -7.76 2.25 6.09
C CYS A 79 -8.22 2.00 7.53
N TYR A 80 -7.26 1.85 8.43
CA TYR A 80 -7.56 1.61 9.84
C TYR A 80 -8.19 2.83 10.49
N LYS A 81 -7.88 4.01 9.95
CA LYS A 81 -8.40 5.26 10.48
C LYS A 81 -9.80 5.53 9.92
N TYR A 82 -9.96 5.35 8.62
CA TYR A 82 -11.25 5.58 7.98
C TYR A 82 -12.27 4.52 8.39
N ASN A 83 -12.03 3.28 7.97
CA ASN A 83 -12.91 2.17 8.30
C ASN A 83 -12.72 1.74 9.75
N PRO A 84 -13.78 1.16 10.34
CA PRO A 84 -13.76 0.69 11.73
C PRO A 84 -12.87 -0.53 11.90
N PRO A 85 -12.54 -0.84 13.17
CA PRO A 85 -11.69 -1.99 13.51
C PRO A 85 -12.40 -3.32 13.27
N ASP A 86 -13.73 -3.29 13.30
CA ASP A 86 -14.52 -4.49 13.09
C ASP A 86 -14.95 -4.61 11.63
N HIS A 87 -14.21 -3.95 10.74
CA HIS A 87 -14.50 -3.98 9.32
C HIS A 87 -13.74 -5.10 8.62
N GLU A 88 -14.37 -5.72 7.64
CA GLU A 88 -13.74 -6.81 6.89
C GLU A 88 -12.47 -6.33 6.20
N VAL A 89 -12.55 -5.17 5.56
CA VAL A 89 -11.42 -4.60 4.85
C VAL A 89 -10.18 -4.54 5.75
N VAL A 90 -10.41 -4.33 7.04
CA VAL A 90 -9.33 -4.24 8.01
C VAL A 90 -8.60 -5.58 8.13
N ALA A 91 -9.36 -6.67 8.19
CA ALA A 91 -8.79 -8.00 8.30
C ALA A 91 -7.91 -8.32 7.10
N MET A 92 -8.32 -7.83 5.92
CA MET A 92 -7.56 -8.07 4.70
C MET A 92 -6.28 -7.23 4.68
N ALA A 93 -6.36 -6.03 5.24
CA ALA A 93 -5.21 -5.13 5.29
C ALA A 93 -4.09 -5.73 6.14
N ARG A 94 -4.46 -6.30 7.27
CA ARG A 94 -3.49 -6.90 8.19
C ARG A 94 -2.75 -8.05 7.50
N LYS A 95 -3.47 -8.80 6.67
CA LYS A 95 -2.89 -9.92 5.95
C LYS A 95 -1.82 -9.46 4.98
N LEU A 96 -2.15 -8.44 4.19
CA LEU A 96 -1.20 -7.90 3.21
C LEU A 96 -0.04 -7.21 3.90
N GLN A 97 -0.32 -6.54 5.01
CA GLN A 97 0.71 -5.84 5.76
C GLN A 97 1.76 -6.82 6.29
N ASP A 98 1.30 -7.95 6.81
CA ASP A 98 2.19 -8.98 7.34
C ASP A 98 3.12 -9.50 6.25
N VAL A 99 2.60 -9.64 5.05
CA VAL A 99 3.38 -10.13 3.92
C VAL A 99 4.44 -9.12 3.50
N PHE A 100 4.10 -7.84 3.61
CA PHE A 100 5.03 -6.77 3.24
C PHE A 100 6.07 -6.57 4.34
N GLU A 101 5.64 -6.60 5.59
CA GLU A 101 6.54 -6.41 6.72
C GLU A 101 7.59 -7.52 6.76
N MET A 102 7.16 -8.74 6.46
CA MET A 102 8.07 -9.89 6.47
C MET A 102 9.09 -9.78 5.34
N ARG A 103 8.61 -9.56 4.12
CA ARG A 103 9.48 -9.44 2.96
C ARG A 103 10.39 -8.23 3.09
N PHE A 104 9.84 -7.11 3.55
CA PHE A 104 10.61 -5.89 3.72
C PHE A 104 11.76 -6.10 4.70
N ALA A 105 11.49 -6.87 5.77
CA ALA A 105 12.50 -7.16 6.77
C ALA A 105 13.48 -8.22 6.29
N LYS A 106 12.96 -9.20 5.55
CA LYS A 106 13.78 -10.28 5.03
C LYS A 106 14.66 -9.80 3.88
N MET A 107 14.41 -8.56 3.44
CA MET A 107 15.18 -7.97 2.35
C MET A 107 16.67 -8.04 2.64
N PRO A 108 17.46 -8.40 1.61
CA PRO A 108 18.92 -8.51 1.73
C PRO A 108 19.59 -7.15 1.90
N ASP A 109 20.46 -7.04 2.90
CA ASP A 109 21.17 -5.79 3.16
C ASP A 109 22.50 -5.77 2.44
N SER A 1 20.84 2.49 -4.33
CA SER A 1 20.31 2.08 -5.63
C SER A 1 19.87 0.62 -5.61
N GLU A 2 20.78 -0.26 -5.18
CA GLU A 2 20.48 -1.68 -5.10
C GLU A 2 19.25 -1.93 -4.23
N GLN A 3 19.18 -1.25 -3.10
CA GLN A 3 18.06 -1.40 -2.18
C GLN A 3 16.75 -0.94 -2.82
N LEU A 4 16.84 0.13 -3.60
CA LEU A 4 15.67 0.68 -4.29
C LEU A 4 15.07 -0.35 -5.24
N LYS A 5 15.94 -1.08 -5.94
CA LYS A 5 15.50 -2.09 -6.89
C LYS A 5 14.68 -3.17 -6.18
N CYS A 6 15.07 -3.50 -4.96
CA CYS A 6 14.37 -4.51 -4.19
C CYS A 6 12.92 -4.10 -3.92
N CYS A 7 12.71 -2.82 -3.69
CA CYS A 7 11.37 -2.30 -3.42
C CYS A 7 10.40 -2.68 -4.53
N SER A 8 10.89 -2.65 -5.77
CA SER A 8 10.07 -2.98 -6.93
C SER A 8 9.62 -4.43 -6.86
N GLY A 9 10.51 -5.31 -6.41
CA GLY A 9 10.18 -6.71 -6.30
C GLY A 9 9.11 -6.99 -5.25
N ILE A 10 9.27 -6.37 -4.10
CA ILE A 10 8.32 -6.55 -3.00
C ILE A 10 6.93 -6.07 -3.40
N LEU A 11 6.88 -4.91 -4.05
CA LEU A 11 5.61 -4.34 -4.49
C LEU A 11 5.01 -5.16 -5.63
N LYS A 12 5.86 -5.70 -6.49
CA LYS A 12 5.42 -6.51 -7.61
C LYS A 12 4.70 -7.77 -7.12
N GLU A 13 5.22 -8.37 -6.06
CA GLU A 13 4.63 -9.57 -5.50
C GLU A 13 3.23 -9.29 -4.96
N MET A 14 3.09 -8.16 -4.27
CA MET A 14 1.81 -7.77 -3.69
C MET A 14 0.74 -7.68 -4.77
N PHE A 15 1.15 -7.35 -5.98
CA PHE A 15 0.21 -7.23 -7.11
C PHE A 15 -0.07 -8.60 -7.71
N ALA A 16 0.85 -9.54 -7.51
CA ALA A 16 0.69 -10.89 -8.04
C ALA A 16 -0.68 -11.46 -7.68
N LYS A 17 -1.05 -12.55 -8.35
CA LYS A 17 -2.33 -13.20 -8.11
C LYS A 17 -2.28 -14.06 -6.85
N LYS A 18 -1.10 -14.11 -6.23
CA LYS A 18 -0.92 -14.89 -5.01
C LYS A 18 -1.53 -14.19 -3.81
N HIS A 19 -1.48 -12.86 -3.82
CA HIS A 19 -2.04 -12.06 -2.73
C HIS A 19 -3.16 -11.18 -3.23
N ALA A 20 -3.44 -11.24 -4.54
CA ALA A 20 -4.49 -10.45 -5.14
C ALA A 20 -5.84 -10.76 -4.51
N ALA A 21 -5.93 -11.91 -3.85
CA ALA A 21 -7.17 -12.32 -3.20
C ALA A 21 -7.54 -11.36 -2.07
N TYR A 22 -6.53 -10.78 -1.43
CA TYR A 22 -6.76 -9.84 -0.33
C TYR A 22 -5.91 -8.59 -0.51
N ALA A 23 -5.40 -8.38 -1.73
CA ALA A 23 -4.58 -7.22 -2.02
C ALA A 23 -5.14 -6.45 -3.22
N TRP A 24 -6.31 -6.84 -3.68
CA TRP A 24 -6.94 -6.19 -4.83
C TRP A 24 -7.54 -4.85 -4.42
N PRO A 25 -7.97 -4.75 -3.15
CA PRO A 25 -8.56 -3.52 -2.62
C PRO A 25 -7.54 -2.39 -2.46
N PHE A 26 -6.27 -2.73 -2.69
CA PHE A 26 -5.19 -1.75 -2.57
C PHE A 26 -4.47 -1.57 -3.90
N TYR A 27 -5.15 -1.94 -4.98
CA TYR A 27 -4.57 -1.83 -6.32
C TYR A 27 -4.63 -0.38 -6.82
N LYS A 28 -5.84 0.16 -6.90
CA LYS A 28 -6.04 1.53 -7.35
C LYS A 28 -6.41 2.44 -6.19
N PRO A 29 -6.28 3.76 -6.41
CA PRO A 29 -6.60 4.76 -5.39
C PRO A 29 -8.09 4.85 -5.10
N VAL A 30 -8.44 4.94 -3.82
CA VAL A 30 -9.83 5.02 -3.41
C VAL A 30 -10.53 6.21 -4.08
N ASP A 31 -11.59 5.93 -4.82
CA ASP A 31 -12.34 6.97 -5.50
C ASP A 31 -13.50 7.46 -4.63
N VAL A 32 -13.26 8.56 -3.93
CA VAL A 32 -14.28 9.14 -3.06
C VAL A 32 -15.55 9.47 -3.84
N GLU A 33 -15.40 9.63 -5.16
CA GLU A 33 -16.54 9.94 -6.02
C GLU A 33 -17.23 8.67 -6.50
N ALA A 34 -16.45 7.79 -7.12
CA ALA A 34 -16.99 6.53 -7.63
C ALA A 34 -17.51 5.65 -6.49
N LEU A 35 -16.70 5.48 -5.46
CA LEU A 35 -17.09 4.68 -4.31
C LEU A 35 -18.22 5.34 -3.53
N GLY A 36 -18.28 6.67 -3.60
CA GLY A 36 -19.32 7.40 -2.90
C GLY A 36 -18.94 7.72 -1.47
N LEU A 37 -17.65 7.94 -1.24
CA LEU A 37 -17.16 8.26 0.10
C LEU A 37 -17.05 9.76 0.31
N HIS A 38 -18.11 10.36 0.83
CA HIS A 38 -18.13 11.80 1.07
C HIS A 38 -17.59 12.12 2.45
N ASP A 39 -16.76 11.23 2.98
CA ASP A 39 -16.17 11.42 4.30
C ASP A 39 -14.76 10.85 4.35
N TYR A 40 -14.19 10.58 3.18
CA TYR A 40 -12.84 10.03 3.10
C TYR A 40 -11.80 11.14 3.07
N CYS A 41 -12.14 12.25 2.44
CA CYS A 41 -11.23 13.39 2.35
C CYS A 41 -11.10 14.10 3.70
N ASP A 42 -12.20 14.12 4.45
CA ASP A 42 -12.21 14.77 5.76
C ASP A 42 -11.36 13.99 6.75
N ILE A 43 -11.39 12.67 6.64
CA ILE A 43 -10.62 11.80 7.54
C ILE A 43 -9.19 11.62 7.02
N ILE A 44 -9.07 11.18 5.78
CA ILE A 44 -7.76 10.96 5.17
C ILE A 44 -7.29 12.21 4.43
N LYS A 45 -6.14 12.74 4.84
CA LYS A 45 -5.58 13.92 4.22
C LYS A 45 -4.46 13.56 3.26
N HIS A 46 -3.73 12.49 3.59
CA HIS A 46 -2.63 12.03 2.75
C HIS A 46 -2.85 10.60 2.30
N PRO A 47 -3.73 10.43 1.29
CA PRO A 47 -4.05 9.11 0.74
C PRO A 47 -2.89 8.51 -0.04
N MET A 48 -2.97 7.20 -0.29
CA MET A 48 -1.92 6.51 -1.03
C MET A 48 -2.38 5.11 -1.44
N ASP A 49 -1.83 4.61 -2.55
CA ASP A 49 -2.18 3.29 -3.05
C ASP A 49 -0.98 2.60 -3.67
N MET A 50 -1.13 1.32 -3.99
CA MET A 50 -0.05 0.55 -4.59
C MET A 50 0.30 1.09 -5.97
N SER A 51 -0.73 1.43 -6.75
CA SER A 51 -0.52 1.95 -8.09
C SER A 51 0.31 3.23 -8.06
N THR A 52 0.01 4.09 -7.09
CA THR A 52 0.73 5.35 -6.94
C THR A 52 2.19 5.11 -6.54
N ILE A 53 2.40 4.25 -5.56
CA ILE A 53 3.73 3.93 -5.09
C ILE A 53 4.59 3.37 -6.21
N LYS A 54 3.97 2.60 -7.10
CA LYS A 54 4.68 2.01 -8.23
C LYS A 54 5.14 3.08 -9.21
N SER A 55 4.28 4.06 -9.45
CA SER A 55 4.60 5.15 -10.36
C SER A 55 5.73 6.02 -9.81
N LYS A 56 5.71 6.22 -8.50
CA LYS A 56 6.74 7.03 -7.83
C LYS A 56 8.11 6.38 -7.95
N LEU A 57 8.13 5.04 -7.90
CA LEU A 57 9.38 4.31 -8.00
C LEU A 57 9.95 4.39 -9.41
N GLU A 58 9.07 4.40 -10.41
CA GLU A 58 9.49 4.48 -11.79
C GLU A 58 10.12 5.84 -12.10
N ALA A 59 9.60 6.87 -11.45
CA ALA A 59 10.11 8.23 -11.64
C ALA A 59 11.24 8.54 -10.67
N ARG A 60 11.74 7.51 -10.00
CA ARG A 60 12.82 7.67 -9.04
C ARG A 60 12.50 8.79 -8.05
N GLU A 61 11.28 8.79 -7.52
CA GLU A 61 10.86 9.81 -6.56
C GLU A 61 11.39 9.51 -5.17
N TYR A 62 11.46 8.22 -4.83
CA TYR A 62 11.96 7.81 -3.52
C TYR A 62 13.48 7.91 -3.46
N ARG A 63 13.98 8.49 -2.37
CA ARG A 63 15.42 8.65 -2.19
C ARG A 63 16.04 7.36 -1.66
N ASP A 64 15.44 6.80 -0.63
CA ASP A 64 15.93 5.56 -0.02
C ASP A 64 14.80 4.56 0.17
N ALA A 65 15.16 3.35 0.59
CA ALA A 65 14.18 2.30 0.82
C ALA A 65 13.22 2.67 1.95
N GLN A 66 13.76 3.37 2.95
CA GLN A 66 12.95 3.78 4.10
C GLN A 66 11.75 4.59 3.66
N GLU A 67 11.96 5.51 2.74
CA GLU A 67 10.88 6.36 2.23
C GLU A 67 9.80 5.52 1.55
N PHE A 68 10.24 4.48 0.84
CA PHE A 68 9.31 3.59 0.14
C PHE A 68 8.35 2.92 1.13
N GLY A 69 8.87 2.57 2.30
CA GLY A 69 8.06 1.91 3.31
C GLY A 69 7.06 2.86 3.95
N ALA A 70 7.46 4.13 4.08
CA ALA A 70 6.59 5.14 4.69
C ALA A 70 5.26 5.22 3.96
N ASP A 71 5.31 5.14 2.63
CA ASP A 71 4.11 5.22 1.82
C ASP A 71 3.29 3.94 1.94
N VAL A 72 3.97 2.80 1.93
CA VAL A 72 3.31 1.50 2.05
C VAL A 72 2.53 1.41 3.35
N ARG A 73 3.14 1.84 4.45
CA ARG A 73 2.50 1.79 5.75
C ARG A 73 1.38 2.83 5.84
N LEU A 74 1.59 3.98 5.21
CA LEU A 74 0.59 5.06 5.22
C LEU A 74 -0.70 4.60 4.54
N MET A 75 -0.56 3.77 3.51
CA MET A 75 -1.71 3.27 2.77
C MET A 75 -2.58 2.40 3.67
N PHE A 76 -1.95 1.65 4.57
CA PHE A 76 -2.67 0.77 5.49
C PHE A 76 -3.26 1.57 6.64
N SER A 77 -2.53 2.57 7.11
CA SER A 77 -2.98 3.41 8.22
C SER A 77 -4.29 4.11 7.87
N ASN A 78 -4.37 4.64 6.65
CA ASN A 78 -5.56 5.33 6.19
C ASN A 78 -6.77 4.39 6.21
N CYS A 79 -6.53 3.12 5.93
CA CYS A 79 -7.60 2.12 5.93
C CYS A 79 -8.08 1.81 7.34
N TYR A 80 -7.12 1.66 8.25
CA TYR A 80 -7.44 1.36 9.65
C TYR A 80 -8.10 2.55 10.32
N LYS A 81 -7.80 3.74 9.83
CA LYS A 81 -8.37 4.96 10.39
C LYS A 81 -9.77 5.22 9.82
N TYR A 82 -9.91 5.09 8.52
CA TYR A 82 -11.19 5.31 7.86
C TYR A 82 -12.18 4.21 8.22
N ASN A 83 -11.91 2.99 7.77
CA ASN A 83 -12.77 1.85 8.04
C ASN A 83 -12.60 1.38 9.48
N PRO A 84 -13.66 0.76 10.03
CA PRO A 84 -13.64 0.24 11.40
C PRO A 84 -12.73 -0.97 11.56
N PRO A 85 -12.41 -1.31 12.81
CA PRO A 85 -11.54 -2.46 13.12
C PRO A 85 -12.22 -3.79 12.84
N ASP A 86 -13.55 -3.79 12.84
CA ASP A 86 -14.32 -5.00 12.57
C ASP A 86 -14.72 -5.09 11.10
N HIS A 87 -13.98 -4.37 10.25
CA HIS A 87 -14.25 -4.36 8.83
C HIS A 87 -13.44 -5.44 8.11
N GLU A 88 -14.05 -6.04 7.09
CA GLU A 88 -13.38 -7.09 6.32
C GLU A 88 -12.11 -6.56 5.65
N VAL A 89 -12.21 -5.38 5.05
CA VAL A 89 -11.08 -4.76 4.39
C VAL A 89 -9.86 -4.70 5.30
N VAL A 90 -10.12 -4.53 6.61
CA VAL A 90 -9.04 -4.47 7.60
C VAL A 90 -8.29 -5.79 7.68
N ALA A 91 -9.03 -6.89 7.69
CA ALA A 91 -8.43 -8.22 7.77
C ALA A 91 -7.52 -8.48 6.57
N MET A 92 -7.92 -7.96 5.41
CA MET A 92 -7.14 -8.14 4.19
C MET A 92 -5.88 -7.28 4.22
N ALA A 93 -5.99 -6.10 4.81
CA ALA A 93 -4.87 -5.18 4.91
C ALA A 93 -3.75 -5.77 5.76
N ARG A 94 -4.12 -6.40 6.87
CA ARG A 94 -3.15 -7.00 7.78
C ARG A 94 -2.37 -8.11 7.07
N LYS A 95 -3.07 -8.84 6.20
CA LYS A 95 -2.44 -9.94 5.46
C LYS A 95 -1.37 -9.41 4.51
N LEU A 96 -1.71 -8.38 3.75
CA LEU A 96 -0.77 -7.77 2.81
C LEU A 96 0.37 -7.09 3.54
N GLN A 97 0.06 -6.46 4.66
CA GLN A 97 1.06 -5.77 5.47
C GLN A 97 2.12 -6.74 5.97
N ASP A 98 1.68 -7.90 6.44
CA ASP A 98 2.58 -8.92 6.96
C ASP A 98 3.54 -9.39 5.87
N VAL A 99 3.04 -9.50 4.64
CA VAL A 99 3.86 -9.94 3.52
C VAL A 99 4.89 -8.88 3.15
N PHE A 100 4.53 -7.62 3.30
CA PHE A 100 5.43 -6.51 2.98
C PHE A 100 6.46 -6.33 4.10
N GLU A 101 6.00 -6.42 5.34
CA GLU A 101 6.88 -6.25 6.49
C GLU A 101 7.96 -7.33 6.52
N MET A 102 7.57 -8.55 6.17
CA MET A 102 8.50 -9.68 6.15
C MET A 102 9.54 -9.50 5.04
N ARG A 103 9.05 -9.26 3.83
CA ARG A 103 9.95 -9.08 2.68
C ARG A 103 10.84 -7.85 2.87
N PHE A 104 10.24 -6.77 3.35
CA PHE A 104 10.99 -5.53 3.58
C PHE A 104 12.12 -5.74 4.58
N ALA A 105 11.86 -6.55 5.60
CA ALA A 105 12.85 -6.85 6.62
C ALA A 105 13.86 -7.88 6.11
N LYS A 106 13.38 -8.85 5.34
CA LYS A 106 14.24 -9.90 4.79
C LYS A 106 15.12 -9.35 3.67
N MET A 107 14.86 -8.10 3.27
CA MET A 107 15.62 -7.46 2.21
C MET A 107 17.12 -7.51 2.52
N PRO A 108 17.93 -7.81 1.50
CA PRO A 108 19.38 -7.89 1.63
C PRO A 108 20.02 -6.52 1.87
N ASP A 109 20.87 -6.43 2.88
CA ASP A 109 21.55 -5.18 3.20
C ASP A 109 22.90 -5.10 2.50
N SER A 1 20.23 2.99 -5.90
CA SER A 1 19.64 2.51 -7.14
C SER A 1 19.25 1.05 -7.02
N GLU A 2 20.21 0.21 -6.61
CA GLU A 2 19.97 -1.22 -6.46
C GLU A 2 18.80 -1.46 -5.50
N GLN A 3 18.77 -0.73 -4.40
CA GLN A 3 17.71 -0.87 -3.41
C GLN A 3 16.37 -0.48 -3.99
N LEU A 4 16.37 0.56 -4.83
CA LEU A 4 15.14 1.03 -5.45
C LEU A 4 14.51 -0.05 -6.33
N LYS A 5 15.36 -0.78 -7.05
CA LYS A 5 14.90 -1.85 -7.92
C LYS A 5 14.17 -2.92 -7.12
N CYS A 6 14.63 -3.18 -5.91
CA CYS A 6 14.02 -4.18 -5.04
C CYS A 6 12.57 -3.81 -4.71
N CYS A 7 12.34 -2.51 -4.52
CA CYS A 7 11.00 -2.02 -4.20
C CYS A 7 9.98 -2.49 -5.23
N SER A 8 10.39 -2.49 -6.50
CA SER A 8 9.51 -2.91 -7.58
C SER A 8 9.11 -4.37 -7.43
N GLY A 9 10.05 -5.19 -6.99
CA GLY A 9 9.77 -6.61 -6.80
C GLY A 9 8.79 -6.86 -5.68
N ILE A 10 9.00 -6.18 -4.55
CA ILE A 10 8.12 -6.34 -3.40
C ILE A 10 6.69 -5.92 -3.74
N LEU A 11 6.56 -4.80 -4.43
CA LEU A 11 5.25 -4.29 -4.82
C LEU A 11 4.60 -5.18 -5.88
N LYS A 12 5.44 -5.73 -6.76
CA LYS A 12 4.95 -6.61 -7.82
C LYS A 12 4.30 -7.86 -7.23
N GLU A 13 4.90 -8.40 -6.18
CA GLU A 13 4.38 -9.59 -5.53
C GLU A 13 3.02 -9.32 -4.91
N MET A 14 2.88 -8.16 -4.28
CA MET A 14 1.62 -7.79 -3.64
C MET A 14 0.48 -7.78 -4.65
N PHE A 15 0.81 -7.49 -5.90
CA PHE A 15 -0.19 -7.46 -6.97
C PHE A 15 -0.47 -8.86 -7.50
N ALA A 16 0.49 -9.75 -7.31
CA ALA A 16 0.34 -11.14 -7.77
C ALA A 16 -0.97 -11.73 -7.30
N LYS A 17 -1.36 -12.86 -7.90
CA LYS A 17 -2.59 -13.53 -7.55
C LYS A 17 -2.44 -14.32 -6.25
N LYS A 18 -1.23 -14.33 -5.71
CA LYS A 18 -0.95 -15.04 -4.47
C LYS A 18 -1.51 -14.30 -3.27
N HIS A 19 -1.51 -12.97 -3.34
CA HIS A 19 -2.02 -12.14 -2.26
C HIS A 19 -3.21 -11.31 -2.73
N ALA A 20 -3.55 -11.45 -4.01
CA ALA A 20 -4.67 -10.71 -4.58
C ALA A 20 -5.97 -11.03 -3.85
N ALA A 21 -5.98 -12.15 -3.13
CA ALA A 21 -7.16 -12.57 -2.39
C ALA A 21 -7.50 -11.57 -1.29
N TYR A 22 -6.47 -10.93 -0.74
CA TYR A 22 -6.66 -9.94 0.33
C TYR A 22 -5.86 -8.68 0.04
N ALA A 23 -5.45 -8.52 -1.21
CA ALA A 23 -4.67 -7.35 -1.60
C ALA A 23 -5.32 -6.64 -2.80
N TRP A 24 -6.51 -7.10 -3.17
CA TRP A 24 -7.23 -6.52 -4.30
C TRP A 24 -7.85 -5.18 -3.92
N PRO A 25 -8.19 -5.03 -2.64
CA PRO A 25 -8.80 -3.79 -2.12
C PRO A 25 -7.80 -2.64 -2.08
N PHE A 26 -6.54 -2.95 -2.36
CA PHE A 26 -5.49 -1.94 -2.36
C PHE A 26 -4.85 -1.80 -3.74
N TYR A 27 -5.59 -2.22 -4.76
CA TYR A 27 -5.09 -2.16 -6.14
C TYR A 27 -5.23 -0.75 -6.69
N LYS A 28 -6.46 -0.25 -6.72
CA LYS A 28 -6.73 1.10 -7.23
C LYS A 28 -7.06 2.06 -6.08
N PRO A 29 -6.99 3.36 -6.37
CA PRO A 29 -7.27 4.41 -5.37
C PRO A 29 -8.75 4.46 -5.00
N VAL A 30 -9.02 4.59 -3.71
CA VAL A 30 -10.40 4.66 -3.21
C VAL A 30 -11.17 5.79 -3.88
N ASP A 31 -12.26 5.44 -4.55
CA ASP A 31 -13.09 6.42 -5.23
C ASP A 31 -14.20 6.93 -4.32
N VAL A 32 -13.97 8.06 -3.68
CA VAL A 32 -14.95 8.66 -2.78
C VAL A 32 -16.27 8.90 -3.50
N GLU A 33 -16.21 9.01 -4.81
CA GLU A 33 -17.41 9.25 -5.62
C GLU A 33 -18.08 7.93 -6.00
N ALA A 34 -17.32 7.04 -6.63
CA ALA A 34 -17.83 5.75 -7.05
C ALA A 34 -18.27 4.91 -5.85
N LEU A 35 -17.39 4.81 -4.86
CA LEU A 35 -17.68 4.05 -3.65
C LEU A 35 -18.78 4.72 -2.84
N GLY A 36 -18.89 6.04 -2.97
CA GLY A 36 -19.91 6.78 -2.24
C GLY A 36 -19.45 7.16 -0.85
N LEU A 37 -18.16 7.44 -0.70
CA LEU A 37 -17.60 7.83 0.59
C LEU A 37 -17.52 9.35 0.72
N HIS A 38 -18.58 9.94 1.27
CA HIS A 38 -18.63 11.39 1.45
C HIS A 38 -18.02 11.79 2.79
N ASP A 39 -17.13 10.94 3.30
CA ASP A 39 -16.46 11.22 4.58
C ASP A 39 -15.03 10.69 4.57
N TYR A 40 -14.53 10.39 3.38
CA TYR A 40 -13.17 9.87 3.23
C TYR A 40 -12.17 11.01 3.10
N CYS A 41 -12.58 12.08 2.44
CA CYS A 41 -11.72 13.24 2.25
C CYS A 41 -11.53 14.01 3.55
N ASP A 42 -12.59 14.04 4.36
CA ASP A 42 -12.54 14.73 5.64
C ASP A 42 -11.60 14.03 6.61
N ILE A 43 -11.60 12.70 6.56
CA ILE A 43 -10.74 11.91 7.44
C ILE A 43 -9.35 11.75 6.86
N ILE A 44 -9.28 11.24 5.63
CA ILE A 44 -8.01 11.05 4.96
C ILE A 44 -7.62 12.27 4.12
N LYS A 45 -6.47 12.85 4.45
CA LYS A 45 -5.98 14.02 3.73
C LYS A 45 -4.90 13.65 2.73
N HIS A 46 -4.13 12.61 3.06
CA HIS A 46 -3.06 12.16 2.18
C HIS A 46 -3.27 10.70 1.80
N PRO A 47 -4.19 10.45 0.85
CA PRO A 47 -4.51 9.10 0.39
C PRO A 47 -3.38 8.50 -0.44
N MET A 48 -3.42 7.18 -0.62
CA MET A 48 -2.41 6.48 -1.39
C MET A 48 -2.85 5.05 -1.72
N ASP A 49 -2.35 4.52 -2.83
CA ASP A 49 -2.69 3.17 -3.25
C ASP A 49 -1.50 2.49 -3.91
N MET A 50 -1.63 1.19 -4.15
CA MET A 50 -0.56 0.42 -4.79
C MET A 50 -0.32 0.92 -6.22
N SER A 51 -1.38 1.18 -6.94
CA SER A 51 -1.29 1.66 -8.32
C SER A 51 -0.50 2.95 -8.39
N THR A 52 -0.76 3.85 -7.44
CA THR A 52 -0.07 5.14 -7.39
C THR A 52 1.41 4.96 -7.09
N ILE A 53 1.70 4.15 -6.07
CA ILE A 53 3.08 3.89 -5.67
C ILE A 53 3.89 3.31 -6.82
N LYS A 54 3.24 2.48 -7.63
CA LYS A 54 3.89 1.85 -8.77
C LYS A 54 4.26 2.90 -9.82
N SER A 55 3.35 3.84 -10.05
CA SER A 55 3.58 4.90 -11.04
C SER A 55 4.71 5.82 -10.60
N LYS A 56 4.77 6.08 -9.28
CA LYS A 56 5.80 6.95 -8.73
C LYS A 56 7.18 6.33 -8.90
N LEU A 57 7.26 5.01 -8.79
CA LEU A 57 8.52 4.30 -8.93
C LEU A 57 9.01 4.33 -10.38
N GLU A 58 8.07 4.27 -11.32
CA GLU A 58 8.40 4.29 -12.74
C GLU A 58 8.97 5.66 -13.13
N ALA A 59 8.45 6.71 -12.50
CA ALA A 59 8.91 8.07 -12.79
C ALA A 59 10.08 8.46 -11.90
N ARG A 60 10.65 7.47 -11.21
CA ARG A 60 11.78 7.71 -10.33
C ARG A 60 11.49 8.87 -9.38
N GLU A 61 10.30 8.85 -8.78
CA GLU A 61 9.91 9.90 -7.85
C GLU A 61 10.54 9.69 -6.47
N TYR A 62 10.66 8.42 -6.08
CA TYR A 62 11.25 8.08 -4.79
C TYR A 62 12.77 8.23 -4.82
N ARG A 63 13.31 8.87 -3.79
CA ARG A 63 14.75 9.09 -3.71
C ARG A 63 15.45 7.84 -3.16
N ASP A 64 14.92 7.31 -2.06
CA ASP A 64 15.49 6.12 -1.44
C ASP A 64 14.41 5.09 -1.14
N ALA A 65 14.83 3.92 -0.68
CA ALA A 65 13.90 2.85 -0.35
C ALA A 65 13.01 3.23 0.83
N GLN A 66 13.57 4.00 1.76
CA GLN A 66 12.83 4.44 2.94
C GLN A 66 11.56 5.19 2.54
N GLU A 67 11.69 6.08 1.56
CA GLU A 67 10.57 6.87 1.09
C GLU A 67 9.48 5.97 0.51
N PHE A 68 9.90 4.91 -0.17
CA PHE A 68 8.96 3.96 -0.78
C PHE A 68 8.10 3.30 0.29
N GLY A 69 8.69 3.03 1.44
CA GLY A 69 7.96 2.40 2.53
C GLY A 69 6.97 3.34 3.19
N ALA A 70 7.33 4.62 3.24
CA ALA A 70 6.48 5.64 3.85
C ALA A 70 5.10 5.65 3.19
N ASP A 71 5.08 5.52 1.87
CA ASP A 71 3.82 5.51 1.13
C ASP A 71 3.05 4.21 1.36
N VAL A 72 3.77 3.09 1.37
CA VAL A 72 3.16 1.80 1.58
C VAL A 72 2.45 1.72 2.93
N ARG A 73 3.12 2.23 3.96
CA ARG A 73 2.56 2.23 5.30
C ARG A 73 1.41 3.23 5.41
N LEU A 74 1.55 4.36 4.73
CA LEU A 74 0.52 5.39 4.75
C LEU A 74 -0.79 4.88 4.17
N MET A 75 -0.68 4.01 3.17
CA MET A 75 -1.86 3.43 2.54
C MET A 75 -2.66 2.58 3.52
N PHE A 76 -1.94 1.90 4.41
CA PHE A 76 -2.57 1.04 5.40
C PHE A 76 -3.13 1.87 6.56
N SER A 77 -2.40 2.91 6.94
CA SER A 77 -2.80 3.79 8.03
C SER A 77 -4.16 4.43 7.73
N ASN A 78 -4.33 4.90 6.50
CA ASN A 78 -5.57 5.53 6.09
C ASN A 78 -6.75 4.56 6.22
N CYS A 79 -6.49 3.29 6.00
CA CYS A 79 -7.52 2.26 6.09
C CYS A 79 -7.89 2.00 7.54
N TYR A 80 -6.89 1.93 8.40
CA TYR A 80 -7.10 1.67 9.82
C TYR A 80 -7.77 2.87 10.48
N LYS A 81 -7.54 4.06 9.92
CA LYS A 81 -8.11 5.28 10.46
C LYS A 81 -9.54 5.47 9.97
N TYR A 82 -9.76 5.28 8.68
CA TYR A 82 -11.09 5.42 8.10
C TYR A 82 -12.01 4.31 8.56
N ASN A 83 -11.73 3.09 8.14
CA ASN A 83 -12.53 1.94 8.53
C ASN A 83 -12.26 1.54 9.97
N PRO A 84 -13.27 0.91 10.61
CA PRO A 84 -13.16 0.45 12.00
C PRO A 84 -12.20 -0.72 12.16
N PRO A 85 -11.79 -0.99 13.40
CA PRO A 85 -10.88 -2.09 13.71
C PRO A 85 -11.52 -3.46 13.52
N ASP A 86 -12.84 -3.50 13.61
CA ASP A 86 -13.59 -4.75 13.45
C ASP A 86 -14.07 -4.90 12.01
N HIS A 87 -13.41 -4.22 11.08
CA HIS A 87 -13.77 -4.28 9.68
C HIS A 87 -12.97 -5.36 8.96
N GLU A 88 -13.61 -6.03 8.01
CA GLU A 88 -12.96 -7.09 7.25
C GLU A 88 -11.74 -6.55 6.48
N VAL A 89 -11.93 -5.41 5.83
CA VAL A 89 -10.85 -4.79 5.08
C VAL A 89 -9.59 -4.65 5.92
N VAL A 90 -9.77 -4.43 7.22
CA VAL A 90 -8.64 -4.29 8.13
C VAL A 90 -7.84 -5.58 8.23
N ALA A 91 -8.54 -6.70 8.34
CA ALA A 91 -7.90 -8.01 8.43
C ALA A 91 -7.05 -8.29 7.19
N MET A 92 -7.53 -7.85 6.04
CA MET A 92 -6.83 -8.05 4.79
C MET A 92 -5.60 -7.15 4.70
N ALA A 93 -5.71 -5.95 5.24
CA ALA A 93 -4.61 -4.99 5.23
C ALA A 93 -3.42 -5.51 6.04
N ARG A 94 -3.72 -6.09 7.20
CA ARG A 94 -2.67 -6.63 8.07
C ARG A 94 -1.90 -7.74 7.36
N LYS A 95 -2.62 -8.54 6.57
CA LYS A 95 -2.01 -9.64 5.84
C LYS A 95 -1.01 -9.13 4.81
N LEU A 96 -1.43 -8.14 4.03
CA LEU A 96 -0.56 -7.57 3.00
C LEU A 96 0.60 -6.81 3.64
N GLN A 97 0.33 -6.14 4.74
CA GLN A 97 1.36 -5.38 5.45
C GLN A 97 2.48 -6.30 5.93
N ASP A 98 2.09 -7.45 6.48
CA ASP A 98 3.07 -8.42 6.98
C ASP A 98 3.98 -8.90 5.87
N VAL A 99 3.40 -9.08 4.68
CA VAL A 99 4.16 -9.55 3.52
C VAL A 99 5.14 -8.49 3.05
N PHE A 100 4.75 -7.23 3.17
CA PHE A 100 5.59 -6.11 2.74
C PHE A 100 6.68 -5.84 3.78
N GLU A 101 6.30 -5.89 5.05
CA GLU A 101 7.24 -5.63 6.14
C GLU A 101 8.35 -6.68 6.15
N MET A 102 7.97 -7.93 5.88
CA MET A 102 8.94 -9.03 5.85
C MET A 102 9.91 -8.88 4.67
N ARG A 103 9.36 -8.70 3.48
CA ARG A 103 10.16 -8.54 2.28
C ARG A 103 11.02 -7.29 2.35
N PHE A 104 10.43 -6.20 2.83
CA PHE A 104 11.13 -4.93 2.96
C PHE A 104 12.33 -5.08 3.89
N ALA A 105 12.16 -5.84 4.95
CA ALA A 105 13.23 -6.06 5.92
C ALA A 105 14.24 -7.08 5.40
N LYS A 106 13.74 -8.09 4.70
CA LYS A 106 14.60 -9.14 4.15
C LYS A 106 15.38 -8.62 2.96
N MET A 107 15.06 -7.41 2.52
CA MET A 107 15.75 -6.80 1.38
C MET A 107 17.25 -6.78 1.61
N PRO A 108 18.01 -7.10 0.55
CA PRO A 108 19.47 -7.14 0.61
C PRO A 108 20.08 -5.73 0.73
N ASP A 109 20.99 -5.58 1.68
CA ASP A 109 21.63 -4.29 1.92
C ASP A 109 22.94 -4.21 1.12
N SER A 1 20.67 1.90 -4.52
CA SER A 1 20.13 1.46 -5.80
C SER A 1 19.67 0.01 -5.72
N GLU A 2 20.57 -0.87 -5.26
CA GLU A 2 20.26 -2.28 -5.14
C GLU A 2 19.03 -2.49 -4.26
N GLN A 3 18.97 -1.77 -3.15
CA GLN A 3 17.85 -1.87 -2.21
C GLN A 3 16.56 -1.42 -2.88
N LEU A 4 16.64 -0.37 -3.70
CA LEU A 4 15.47 0.16 -4.39
C LEU A 4 14.86 -0.89 -5.31
N LYS A 5 15.72 -1.65 -5.98
CA LYS A 5 15.26 -2.69 -6.88
C LYS A 5 14.43 -3.75 -6.15
N CYS A 6 14.82 -4.02 -4.91
CA CYS A 6 14.11 -5.01 -4.09
C CYS A 6 12.68 -4.58 -3.84
N CYS A 7 12.48 -3.27 -3.65
CA CYS A 7 11.16 -2.73 -3.40
C CYS A 7 10.18 -3.14 -4.50
N SER A 8 10.66 -3.15 -5.73
CA SER A 8 9.82 -3.52 -6.88
C SER A 8 9.35 -4.96 -6.75
N GLY A 9 10.24 -5.84 -6.28
CA GLY A 9 9.89 -7.24 -6.12
C GLY A 9 8.83 -7.46 -5.06
N ILE A 10 9.00 -6.81 -3.91
CA ILE A 10 8.05 -6.93 -2.82
C ILE A 10 6.66 -6.45 -3.23
N LEU A 11 6.62 -5.31 -3.92
CA LEU A 11 5.35 -4.74 -4.38
C LEU A 11 4.74 -5.60 -5.48
N LYS A 12 5.59 -6.18 -6.31
CA LYS A 12 5.13 -7.03 -7.41
C LYS A 12 4.40 -8.25 -6.88
N GLU A 13 4.92 -8.82 -5.79
CA GLU A 13 4.31 -10.00 -5.18
C GLU A 13 2.92 -9.68 -4.64
N MET A 14 2.80 -8.51 -4.00
CA MET A 14 1.52 -8.09 -3.43
C MET A 14 0.44 -8.04 -4.51
N PHE A 15 0.85 -7.75 -5.74
CA PHE A 15 -0.08 -7.66 -6.86
C PHE A 15 -0.38 -9.05 -7.42
N ALA A 16 0.52 -9.99 -7.18
CA ALA A 16 0.35 -11.35 -7.66
C ALA A 16 -1.03 -11.90 -7.28
N LYS A 17 -1.41 -13.01 -7.90
CA LYS A 17 -2.71 -13.62 -7.63
C LYS A 17 -2.65 -14.44 -6.34
N LYS A 18 -1.47 -14.49 -5.73
CA LYS A 18 -1.29 -15.23 -4.48
C LYS A 18 -1.90 -14.47 -3.31
N HIS A 19 -1.83 -13.14 -3.36
CA HIS A 19 -2.36 -12.30 -2.30
C HIS A 19 -3.49 -11.42 -2.83
N ALA A 20 -3.76 -11.53 -4.13
CA ALA A 20 -4.82 -10.74 -4.76
C ALA A 20 -6.17 -11.02 -4.11
N ALA A 21 -6.27 -12.13 -3.41
CA ALA A 21 -7.51 -12.51 -2.74
C ALA A 21 -7.86 -11.50 -1.64
N TYR A 22 -6.85 -10.92 -1.04
CA TYR A 22 -7.06 -9.94 0.02
C TYR A 22 -6.20 -8.70 -0.19
N ALA A 23 -5.69 -8.54 -1.42
CA ALA A 23 -4.86 -7.40 -1.76
C ALA A 23 -5.40 -6.67 -2.98
N TRP A 24 -6.58 -7.07 -3.43
CA TRP A 24 -7.21 -6.45 -4.58
C TRP A 24 -7.79 -5.09 -4.23
N PRO A 25 -8.21 -4.94 -2.97
CA PRO A 25 -8.79 -3.68 -2.47
C PRO A 25 -7.75 -2.57 -2.36
N PHE A 26 -6.49 -2.92 -2.58
CA PHE A 26 -5.40 -1.95 -2.50
C PHE A 26 -4.68 -1.83 -3.85
N TYR A 27 -5.37 -2.22 -4.91
CA TYR A 27 -4.80 -2.16 -6.25
C TYR A 27 -4.85 -0.75 -6.80
N LYS A 28 -6.05 -0.20 -6.89
CA LYS A 28 -6.24 1.16 -7.40
C LYS A 28 -6.58 2.12 -6.26
N PRO A 29 -6.45 3.43 -6.54
CA PRO A 29 -6.74 4.47 -5.54
C PRO A 29 -8.23 4.60 -5.25
N VAL A 30 -8.57 4.72 -3.98
CA VAL A 30 -9.96 4.84 -3.57
C VAL A 30 -10.64 6.01 -4.27
N ASP A 31 -11.72 5.72 -5.00
CA ASP A 31 -12.46 6.74 -5.72
C ASP A 31 -13.60 7.28 -4.87
N VAL A 32 -13.36 8.41 -4.20
CA VAL A 32 -14.37 9.02 -3.35
C VAL A 32 -15.64 9.33 -4.14
N GLU A 33 -15.50 9.44 -5.46
CA GLU A 33 -16.63 9.74 -6.32
C GLU A 33 -17.33 8.46 -6.75
N ALA A 34 -16.57 7.54 -7.35
CA ALA A 34 -17.12 6.28 -7.81
C ALA A 34 -17.66 5.45 -6.64
N LEU A 35 -16.84 5.31 -5.60
CA LEU A 35 -17.23 4.55 -4.42
C LEU A 35 -18.36 5.26 -3.66
N GLY A 36 -18.40 6.58 -3.78
CA GLY A 36 -19.43 7.35 -3.11
C GLY A 36 -19.03 7.71 -1.69
N LEU A 37 -17.74 7.93 -1.47
CA LEU A 37 -17.24 8.29 -0.14
C LEU A 37 -17.11 9.80 0.01
N HIS A 38 -18.16 10.43 0.50
CA HIS A 38 -18.17 11.88 0.70
C HIS A 38 -17.62 12.24 2.08
N ASP A 39 -16.79 11.35 2.63
CA ASP A 39 -16.19 11.59 3.94
C ASP A 39 -14.78 11.01 4.00
N TYR A 40 -14.22 10.69 2.84
CA TYR A 40 -12.89 10.12 2.77
C TYR A 40 -11.83 11.21 2.70
N CYS A 41 -12.17 12.31 2.03
CA CYS A 41 -11.24 13.43 1.90
C CYS A 41 -11.09 14.18 3.22
N ASP A 42 -12.19 14.25 3.96
CA ASP A 42 -12.20 14.94 5.25
C ASP A 42 -11.34 14.18 6.27
N ILE A 43 -11.39 12.86 6.22
CA ILE A 43 -10.62 12.03 7.13
C ILE A 43 -9.20 11.81 6.62
N ILE A 44 -9.09 11.31 5.39
CA ILE A 44 -7.78 11.06 4.79
C ILE A 44 -7.30 12.27 4.00
N LYS A 45 -6.14 12.80 4.39
CA LYS A 45 -5.58 13.96 3.72
C LYS A 45 -4.45 13.54 2.77
N HIS A 46 -3.74 12.49 3.13
CA HIS A 46 -2.64 11.97 2.32
C HIS A 46 -2.89 10.53 1.90
N PRO A 47 -3.77 10.33 0.91
CA PRO A 47 -4.12 9.01 0.41
C PRO A 47 -2.97 8.36 -0.35
N MET A 48 -3.06 7.05 -0.56
CA MET A 48 -2.03 6.31 -1.28
C MET A 48 -2.51 4.91 -1.63
N ASP A 49 -1.97 4.37 -2.72
CA ASP A 49 -2.33 3.03 -3.17
C ASP A 49 -1.15 2.31 -3.78
N MET A 50 -1.30 1.01 -4.04
CA MET A 50 -0.25 0.21 -4.63
C MET A 50 0.11 0.70 -6.03
N SER A 51 -0.92 1.02 -6.81
CA SER A 51 -0.72 1.50 -8.18
C SER A 51 0.12 2.76 -8.19
N THR A 52 -0.15 3.66 -7.24
CA THR A 52 0.59 4.91 -7.15
C THR A 52 2.04 4.67 -6.75
N ILE A 53 2.24 3.84 -5.73
CA ILE A 53 3.58 3.52 -5.26
C ILE A 53 4.43 2.92 -6.37
N LYS A 54 3.79 2.13 -7.22
CA LYS A 54 4.49 1.48 -8.33
C LYS A 54 4.95 2.51 -9.35
N SER A 55 4.11 3.49 -9.62
CA SER A 55 4.43 4.55 -10.58
C SER A 55 5.57 5.42 -10.07
N LYS A 56 5.57 5.66 -8.76
CA LYS A 56 6.60 6.49 -8.12
C LYS A 56 7.96 5.81 -8.23
N LEU A 57 7.98 4.49 -8.13
CA LEU A 57 9.22 3.73 -8.20
C LEU A 57 9.78 3.75 -9.62
N GLU A 58 8.90 3.74 -10.61
CA GLU A 58 9.31 3.76 -12.01
C GLU A 58 9.95 5.10 -12.36
N ALA A 59 9.45 6.17 -11.75
CA ALA A 59 9.97 7.51 -11.99
C ALA A 59 11.11 7.84 -11.03
N ARG A 60 11.60 6.83 -10.33
CA ARG A 60 12.69 7.00 -9.37
C ARG A 60 12.39 8.17 -8.43
N GLU A 61 11.18 8.20 -7.90
CA GLU A 61 10.76 9.26 -6.98
C GLU A 61 11.31 9.00 -5.58
N TYR A 62 11.36 7.74 -5.19
CA TYR A 62 11.85 7.36 -3.88
C TYR A 62 13.37 7.45 -3.81
N ARG A 63 13.89 8.06 -2.75
CA ARG A 63 15.33 8.21 -2.57
C ARG A 63 15.94 6.94 -2.00
N ASP A 64 15.33 6.41 -0.95
CA ASP A 64 15.82 5.20 -0.30
C ASP A 64 14.68 4.21 -0.07
N ALA A 65 15.02 3.01 0.39
CA ALA A 65 14.03 1.98 0.66
C ALA A 65 13.09 2.40 1.79
N GLN A 66 13.63 3.13 2.76
CA GLN A 66 12.83 3.59 3.89
C GLN A 66 11.63 4.40 3.43
N GLU A 67 11.86 5.30 2.47
CA GLU A 67 10.79 6.14 1.94
C GLU A 67 9.70 5.28 1.30
N PHE A 68 10.12 4.21 0.62
CA PHE A 68 9.18 3.31 -0.04
C PHE A 68 8.21 2.68 0.97
N GLY A 69 8.73 2.37 2.15
CA GLY A 69 7.92 1.77 3.18
C GLY A 69 6.94 2.75 3.80
N ALA A 70 7.34 4.01 3.89
CA ALA A 70 6.50 5.05 4.46
C ALA A 70 5.15 5.13 3.72
N ASP A 71 5.21 5.00 2.40
CA ASP A 71 4.00 5.06 1.59
C ASP A 71 3.17 3.80 1.77
N VAL A 72 3.83 2.64 1.79
CA VAL A 72 3.16 1.37 1.96
C VAL A 72 2.38 1.32 3.26
N ARG A 73 3.00 1.79 4.35
CA ARG A 73 2.37 1.80 5.65
C ARG A 73 1.25 2.84 5.71
N LEU A 74 1.48 3.98 5.04
CA LEU A 74 0.50 5.05 5.02
C LEU A 74 -0.79 4.60 4.36
N MET A 75 -0.67 3.73 3.36
CA MET A 75 -1.84 3.21 2.65
C MET A 75 -2.71 2.39 3.58
N PHE A 76 -2.09 1.66 4.50
CA PHE A 76 -2.82 0.83 5.45
C PHE A 76 -3.40 1.68 6.58
N SER A 77 -2.64 2.68 7.00
CA SER A 77 -3.07 3.56 8.08
C SER A 77 -4.38 4.27 7.71
N ASN A 78 -4.45 4.75 6.48
CA ASN A 78 -5.65 5.44 6.00
C ASN A 78 -6.87 4.52 6.06
N CYS A 79 -6.65 3.24 5.83
CA CYS A 79 -7.73 2.25 5.85
C CYS A 79 -8.20 1.99 7.29
N TYR A 80 -7.25 1.87 8.20
CA TYR A 80 -7.55 1.62 9.60
C TYR A 80 -8.20 2.84 10.25
N LYS A 81 -7.89 4.02 9.71
CA LYS A 81 -8.44 5.27 10.22
C LYS A 81 -9.84 5.52 9.66
N TYR A 82 -9.99 5.34 8.35
CA TYR A 82 -11.27 5.55 7.69
C TYR A 82 -12.28 4.48 8.09
N ASN A 83 -12.01 3.24 7.68
CA ASN A 83 -12.89 2.12 8.01
C ASN A 83 -12.71 1.69 9.46
N PRO A 84 -13.78 1.11 10.03
CA PRO A 84 -13.77 0.65 11.42
C PRO A 84 -12.87 -0.57 11.62
N PRO A 85 -12.54 -0.87 12.89
CA PRO A 85 -11.69 -2.01 13.24
C PRO A 85 -12.38 -3.35 12.99
N ASP A 86 -13.71 -3.33 13.00
CA ASP A 86 -14.49 -4.55 12.79
C ASP A 86 -14.90 -4.68 11.33
N HIS A 87 -14.16 -4.01 10.44
CA HIS A 87 -14.45 -4.05 9.02
C HIS A 87 -13.65 -5.15 8.33
N GLU A 88 -14.26 -5.79 7.35
CA GLU A 88 -13.61 -6.87 6.61
C GLU A 88 -12.34 -6.38 5.93
N VAL A 89 -12.43 -5.21 5.28
CA VAL A 89 -11.29 -4.63 4.59
C VAL A 89 -10.07 -4.57 5.50
N VAL A 90 -10.32 -4.35 6.79
CA VAL A 90 -9.25 -4.26 7.78
C VAL A 90 -8.50 -5.58 7.89
N ALA A 91 -9.25 -6.67 7.96
CA ALA A 91 -8.67 -8.01 8.07
C ALA A 91 -7.77 -8.32 6.88
N MET A 92 -8.17 -7.84 5.71
CA MET A 92 -7.40 -8.07 4.50
C MET A 92 -6.13 -7.23 4.48
N ALA A 93 -6.22 -6.01 5.04
CA ALA A 93 -5.08 -5.11 5.10
C ALA A 93 -3.97 -5.69 5.96
N ARG A 94 -4.35 -6.26 7.09
CA ARG A 94 -3.38 -6.84 8.02
C ARG A 94 -2.63 -7.99 7.35
N LYS A 95 -3.32 -8.75 6.50
CA LYS A 95 -2.72 -9.87 5.81
C LYS A 95 -1.64 -9.39 4.84
N LEU A 96 -1.98 -8.39 4.04
CA LEU A 96 -1.03 -7.84 3.07
C LEU A 96 0.13 -7.13 3.77
N GLN A 97 -0.18 -6.46 4.89
CA GLN A 97 0.84 -5.75 5.65
C GLN A 97 1.89 -6.72 6.19
N ASP A 98 1.43 -7.86 6.71
CA ASP A 98 2.33 -8.86 7.25
C ASP A 98 3.29 -9.39 6.17
N VAL A 99 2.77 -9.54 4.96
CA VAL A 99 3.57 -10.01 3.84
C VAL A 99 4.63 -8.99 3.44
N PHE A 100 4.28 -7.71 3.54
CA PHE A 100 5.19 -6.64 3.18
C PHE A 100 6.23 -6.41 4.28
N GLU A 101 5.77 -6.47 5.53
CA GLU A 101 6.66 -6.26 6.67
C GLU A 101 7.72 -7.35 6.73
N MET A 102 7.32 -8.59 6.43
CA MET A 102 8.23 -9.72 6.45
C MET A 102 9.27 -9.59 5.33
N ARG A 103 8.79 -9.40 4.10
CA ARG A 103 9.67 -9.26 2.96
C ARG A 103 10.58 -8.05 3.10
N PHE A 104 10.00 -6.93 3.54
CA PHE A 104 10.76 -5.70 3.71
C PHE A 104 11.90 -5.90 4.72
N ALA A 105 11.63 -6.66 5.77
CA ALA A 105 12.62 -6.93 6.79
C ALA A 105 13.62 -7.99 6.32
N LYS A 106 13.12 -8.98 5.58
CA LYS A 106 13.97 -10.06 5.07
C LYS A 106 14.85 -9.56 3.93
N MET A 107 14.59 -8.33 3.48
CA MET A 107 15.36 -7.74 2.39
C MET A 107 16.86 -7.80 2.70
N PRO A 108 17.66 -8.14 1.69
CA PRO A 108 19.12 -8.23 1.82
C PRO A 108 19.77 -6.87 2.00
N ASP A 109 20.63 -6.75 3.01
CA ASP A 109 21.32 -5.50 3.29
C ASP A 109 22.67 -5.45 2.57
N SER A 1 20.65 2.12 -4.98
CA SER A 1 20.08 1.73 -6.27
C SER A 1 19.60 0.27 -6.23
N GLU A 2 20.50 -0.62 -5.82
CA GLU A 2 20.18 -2.04 -5.75
C GLU A 2 18.97 -2.27 -4.85
N GLN A 3 18.94 -1.59 -3.71
CA GLN A 3 17.84 -1.72 -2.76
C GLN A 3 16.54 -1.22 -3.38
N LEU A 4 16.63 -0.16 -4.16
CA LEU A 4 15.44 0.42 -4.80
C LEU A 4 14.80 -0.60 -5.75
N LYS A 5 15.63 -1.34 -6.47
CA LYS A 5 15.15 -2.34 -7.42
C LYS A 5 14.33 -3.41 -6.69
N CYS A 6 14.74 -3.75 -5.47
CA CYS A 6 14.04 -4.75 -4.68
C CYS A 6 12.61 -4.31 -4.38
N CYS A 7 12.44 -3.02 -4.14
CA CYS A 7 11.11 -2.48 -3.84
C CYS A 7 10.11 -2.84 -4.94
N SER A 8 10.57 -2.80 -6.18
CA SER A 8 9.71 -3.12 -7.31
C SER A 8 9.23 -4.57 -7.24
N GLY A 9 10.11 -5.47 -6.81
CA GLY A 9 9.76 -6.87 -6.69
C GLY A 9 8.71 -7.11 -5.62
N ILE A 10 8.91 -6.50 -4.46
CA ILE A 10 7.98 -6.66 -3.35
C ILE A 10 6.59 -6.16 -3.71
N LEU A 11 6.55 -4.99 -4.36
CA LEU A 11 5.28 -4.40 -4.77
C LEU A 11 4.63 -5.22 -5.89
N LYS A 12 5.46 -5.76 -6.76
CA LYS A 12 4.97 -6.57 -7.88
C LYS A 12 4.24 -7.81 -7.38
N GLU A 13 4.78 -8.42 -6.33
CA GLU A 13 4.17 -9.62 -5.75
C GLU A 13 2.80 -9.30 -5.17
N MET A 14 2.69 -8.17 -4.49
CA MET A 14 1.44 -7.75 -3.87
C MET A 14 0.34 -7.65 -4.92
N PHE A 15 0.72 -7.32 -6.15
CA PHE A 15 -0.23 -7.18 -7.25
C PHE A 15 -0.56 -8.54 -7.85
N ALA A 16 0.34 -9.50 -7.68
CA ALA A 16 0.15 -10.84 -8.20
C ALA A 16 -1.22 -11.39 -7.82
N LYS A 17 -1.63 -12.47 -8.47
CA LYS A 17 -2.92 -13.09 -8.19
C LYS A 17 -2.86 -13.95 -6.93
N LYS A 18 -1.66 -14.03 -6.35
CA LYS A 18 -1.47 -14.82 -5.13
C LYS A 18 -2.05 -14.10 -3.92
N HIS A 19 -1.96 -12.78 -3.93
CA HIS A 19 -2.47 -11.97 -2.83
C HIS A 19 -3.59 -11.05 -3.30
N ALA A 20 -3.90 -11.12 -4.59
CA ALA A 20 -4.95 -10.29 -5.17
C ALA A 20 -6.29 -10.58 -4.50
N ALA A 21 -6.39 -11.73 -3.83
CA ALA A 21 -7.62 -12.12 -3.16
C ALA A 21 -7.94 -11.15 -2.02
N TYR A 22 -6.91 -10.59 -1.41
CA TYR A 22 -7.09 -9.65 -0.31
C TYR A 22 -6.22 -8.42 -0.49
N ALA A 23 -5.74 -8.21 -1.73
CA ALA A 23 -4.90 -7.08 -2.05
C ALA A 23 -5.46 -6.29 -3.22
N TRP A 24 -6.66 -6.67 -3.66
CA TRP A 24 -7.31 -6.00 -4.79
C TRP A 24 -7.86 -4.64 -4.36
N PRO A 25 -8.25 -4.53 -3.09
CA PRO A 25 -8.81 -3.30 -2.53
C PRO A 25 -7.76 -2.19 -2.41
N PHE A 26 -6.51 -2.55 -2.66
CA PHE A 26 -5.41 -1.60 -2.57
C PHE A 26 -4.71 -1.43 -3.92
N TYR A 27 -5.43 -1.78 -4.99
CA TYR A 27 -4.88 -1.67 -6.33
C TYR A 27 -4.94 -0.22 -6.83
N LYS A 28 -6.13 0.34 -6.88
CA LYS A 28 -6.32 1.72 -7.33
C LYS A 28 -6.63 2.63 -6.15
N PRO A 29 -6.49 3.95 -6.37
CA PRO A 29 -6.75 4.96 -5.34
C PRO A 29 -8.23 5.08 -5.02
N VAL A 30 -8.55 5.16 -3.73
CA VAL A 30 -9.93 5.27 -3.29
C VAL A 30 -10.62 6.47 -3.93
N ASP A 31 -11.70 6.22 -4.65
CA ASP A 31 -12.45 7.28 -5.31
C ASP A 31 -13.57 7.79 -4.42
N VAL A 32 -13.30 8.89 -3.72
CA VAL A 32 -14.29 9.48 -2.83
C VAL A 32 -15.57 9.84 -3.58
N GLU A 33 -15.46 10.00 -4.88
CA GLU A 33 -16.60 10.33 -5.72
C GLU A 33 -17.33 9.07 -6.18
N ALA A 34 -16.59 8.17 -6.83
CA ALA A 34 -17.15 6.93 -7.32
C ALA A 34 -17.68 6.07 -6.18
N LEU A 35 -16.85 5.88 -5.16
CA LEU A 35 -17.22 5.08 -4.01
C LEU A 35 -18.32 5.76 -3.20
N GLY A 36 -18.35 7.09 -3.27
CA GLY A 36 -19.36 7.85 -2.54
C GLY A 36 -18.93 8.16 -1.11
N LEU A 37 -17.64 8.35 -0.92
CA LEU A 37 -17.10 8.65 0.41
C LEU A 37 -16.96 10.15 0.61
N HIS A 38 -17.99 10.78 1.16
CA HIS A 38 -17.99 12.21 1.40
C HIS A 38 -17.40 12.52 2.78
N ASP A 39 -16.57 11.60 3.28
CA ASP A 39 -15.94 11.79 4.59
C ASP A 39 -14.54 11.19 4.60
N TYR A 40 -14.01 10.91 3.42
CA TYR A 40 -12.68 10.34 3.30
C TYR A 40 -11.61 11.42 3.25
N CYS A 41 -11.94 12.54 2.62
CA CYS A 41 -11.01 13.66 2.52
C CYS A 41 -10.84 14.36 3.86
N ASP A 42 -11.92 14.41 4.64
CA ASP A 42 -11.88 15.05 5.95
C ASP A 42 -11.03 14.25 6.92
N ILE A 43 -11.08 12.93 6.81
CA ILE A 43 -10.30 12.05 7.68
C ILE A 43 -8.90 11.85 7.14
N ILE A 44 -8.81 11.39 5.89
CA ILE A 44 -7.53 11.15 5.25
C ILE A 44 -7.05 12.39 4.49
N LYS A 45 -5.88 12.90 4.87
CA LYS A 45 -5.31 14.07 4.24
C LYS A 45 -4.21 13.69 3.26
N HIS A 46 -3.51 12.60 3.57
CA HIS A 46 -2.42 12.12 2.71
C HIS A 46 -2.70 10.69 2.25
N PRO A 47 -3.60 10.55 1.27
CA PRO A 47 -3.96 9.23 0.72
C PRO A 47 -2.84 8.61 -0.08
N MET A 48 -2.95 7.31 -0.34
CA MET A 48 -1.93 6.59 -1.10
C MET A 48 -2.43 5.20 -1.51
N ASP A 49 -1.92 4.70 -2.62
CA ASP A 49 -2.32 3.38 -3.12
C ASP A 49 -1.14 2.68 -3.77
N MET A 50 -1.32 1.40 -4.08
CA MET A 50 -0.27 0.60 -4.72
C MET A 50 0.05 1.14 -6.11
N SER A 51 -0.99 1.50 -6.86
CA SER A 51 -0.81 2.02 -8.21
C SER A 51 0.05 3.28 -8.19
N THR A 52 -0.20 4.15 -7.21
CA THR A 52 0.55 5.40 -7.08
C THR A 52 2.01 5.12 -6.73
N ILE A 53 2.22 4.25 -5.73
CA ILE A 53 3.56 3.91 -5.30
C ILE A 53 4.38 3.34 -6.46
N LYS A 54 3.72 2.57 -7.33
CA LYS A 54 4.39 1.97 -8.47
C LYS A 54 4.85 3.04 -9.46
N SER A 55 4.00 4.04 -9.68
CA SER A 55 4.32 5.13 -10.60
C SER A 55 5.48 5.96 -10.07
N LYS A 56 5.50 6.16 -8.77
CA LYS A 56 6.55 6.95 -8.12
C LYS A 56 7.91 6.27 -8.28
N LEU A 57 7.91 4.94 -8.23
CA LEU A 57 9.14 4.18 -8.36
C LEU A 57 9.67 4.25 -9.78
N GLU A 58 8.77 4.28 -10.76
CA GLU A 58 9.15 4.36 -12.16
C GLU A 58 9.80 5.70 -12.48
N ALA A 59 9.33 6.74 -11.81
CA ALA A 59 9.86 8.09 -12.02
C ALA A 59 11.02 8.38 -11.07
N ARG A 60 11.51 7.33 -10.42
CA ARG A 60 12.62 7.47 -9.47
C ARG A 60 12.35 8.59 -8.49
N GLU A 61 11.14 8.61 -7.92
CA GLU A 61 10.76 9.64 -6.97
C GLU A 61 11.33 9.32 -5.58
N TYR A 62 11.37 8.04 -5.24
CA TYR A 62 11.90 7.61 -3.95
C TYR A 62 13.42 7.69 -3.92
N ARG A 63 13.96 8.26 -2.84
CA ARG A 63 15.40 8.39 -2.70
C ARG A 63 16.02 7.08 -2.18
N ASP A 64 15.42 6.53 -1.14
CA ASP A 64 15.92 5.29 -0.55
C ASP A 64 14.77 4.31 -0.33
N ALA A 65 15.11 3.09 0.09
CA ALA A 65 14.11 2.06 0.33
C ALA A 65 13.20 2.44 1.49
N GLN A 66 13.76 3.13 2.48
CA GLN A 66 13.00 3.55 3.65
C GLN A 66 11.80 4.39 3.24
N GLU A 67 12.01 5.31 2.31
CA GLU A 67 10.94 6.18 1.83
C GLU A 67 9.83 5.35 1.18
N PHE A 68 10.22 4.31 0.46
CA PHE A 68 9.26 3.45 -0.22
C PHE A 68 8.32 2.79 0.79
N GLY A 69 8.86 2.43 1.95
CA GLY A 69 8.05 1.79 2.98
C GLY A 69 7.10 2.76 3.64
N ALA A 70 7.52 4.01 3.77
CA ALA A 70 6.69 5.04 4.39
C ALA A 70 5.34 5.16 3.69
N ASP A 71 5.36 5.08 2.37
CA ASP A 71 4.13 5.18 1.59
C ASP A 71 3.29 3.92 1.73
N VAL A 72 3.95 2.77 1.70
CA VAL A 72 3.27 1.48 1.84
C VAL A 72 2.51 1.40 3.15
N ARG A 73 3.17 1.82 4.23
CA ARG A 73 2.56 1.79 5.55
C ARG A 73 1.46 2.84 5.67
N LEU A 74 1.68 3.99 5.05
CA LEU A 74 0.71 5.08 5.08
C LEU A 74 -0.60 4.65 4.43
N MET A 75 -0.51 3.82 3.40
CA MET A 75 -1.69 3.34 2.70
C MET A 75 -2.56 2.49 3.61
N PHE A 76 -1.92 1.73 4.49
CA PHE A 76 -2.64 0.87 5.42
C PHE A 76 -3.19 1.67 6.60
N SER A 77 -2.41 2.66 7.04
CA SER A 77 -2.82 3.50 8.16
C SER A 77 -4.13 4.23 7.85
N ASN A 78 -4.23 4.75 6.63
CA ASN A 78 -5.42 5.48 6.21
C ASN A 78 -6.64 4.57 6.26
N CYS A 79 -6.44 3.29 5.98
CA CYS A 79 -7.53 2.32 5.99
C CYS A 79 -7.97 2.01 7.41
N TYR A 80 -7.00 1.84 8.30
CA TYR A 80 -7.29 1.54 9.70
C TYR A 80 -7.91 2.74 10.40
N LYS A 81 -7.60 3.93 9.90
CA LYS A 81 -8.12 5.17 10.47
C LYS A 81 -9.53 5.45 9.95
N TYR A 82 -9.71 5.32 8.64
CA TYR A 82 -11.00 5.57 8.02
C TYR A 82 -12.01 4.49 8.40
N ASN A 83 -11.76 3.27 7.94
CA ASN A 83 -12.65 2.15 8.24
C ASN A 83 -12.44 1.66 9.67
N PRO A 84 -13.50 1.07 10.24
CA PRO A 84 -13.47 0.55 11.61
C PRO A 84 -12.58 -0.68 11.74
N PRO A 85 -12.23 -1.04 12.99
CA PRO A 85 -11.38 -2.19 13.28
C PRO A 85 -12.09 -3.51 13.00
N ASP A 86 -13.42 -3.49 13.04
CA ASP A 86 -14.21 -4.69 12.80
C ASP A 86 -14.66 -4.75 11.34
N HIS A 87 -13.92 -4.05 10.47
CA HIS A 87 -14.23 -4.04 9.04
C HIS A 87 -13.47 -5.12 8.30
N GLU A 88 -14.11 -5.72 7.31
CA GLU A 88 -13.48 -6.78 6.51
C GLU A 88 -12.23 -6.27 5.83
N VAL A 89 -12.31 -5.10 5.23
CA VAL A 89 -11.19 -4.49 4.54
C VAL A 89 -9.94 -4.46 5.42
N VAL A 90 -10.16 -4.29 6.72
CA VAL A 90 -9.06 -4.25 7.69
C VAL A 90 -8.33 -5.58 7.74
N ALA A 91 -9.09 -6.68 7.79
CA ALA A 91 -8.52 -8.01 7.84
C ALA A 91 -7.64 -8.29 6.61
N MET A 92 -8.06 -7.76 5.46
CA MET A 92 -7.32 -7.95 4.23
C MET A 92 -6.05 -7.11 4.22
N ALA A 93 -6.11 -5.93 4.82
CA ALA A 93 -4.97 -5.03 4.89
C ALA A 93 -3.84 -5.65 5.72
N ARG A 94 -4.21 -6.27 6.84
CA ARG A 94 -3.22 -6.90 7.71
C ARG A 94 -2.49 -8.02 6.98
N LYS A 95 -3.22 -8.74 6.13
CA LYS A 95 -2.63 -9.85 5.37
C LYS A 95 -1.57 -9.34 4.41
N LEU A 96 -1.91 -8.29 3.65
CA LEU A 96 -0.99 -7.72 2.69
C LEU A 96 0.20 -7.06 3.39
N GLN A 97 -0.08 -6.42 4.53
CA GLN A 97 0.96 -5.75 5.30
C GLN A 97 2.01 -6.74 5.78
N ASP A 98 1.55 -7.90 6.26
CA ASP A 98 2.45 -8.93 6.75
C ASP A 98 3.38 -9.42 5.63
N VAL A 99 2.84 -9.51 4.43
CA VAL A 99 3.61 -9.97 3.28
C VAL A 99 4.67 -8.94 2.89
N PHE A 100 4.34 -7.66 3.04
CA PHE A 100 5.25 -6.58 2.71
C PHE A 100 6.31 -6.41 3.79
N GLU A 101 5.88 -6.50 5.05
CA GLU A 101 6.79 -6.35 6.19
C GLU A 101 7.85 -7.45 6.18
N MET A 102 7.43 -8.66 5.84
CA MET A 102 8.33 -9.81 5.79
C MET A 102 9.34 -9.66 4.66
N ARG A 103 8.84 -9.40 3.45
CA ARG A 103 9.71 -9.24 2.29
C ARG A 103 10.63 -8.02 2.46
N PHE A 104 10.07 -6.93 2.96
CA PHE A 104 10.83 -5.71 3.17
C PHE A 104 11.99 -5.96 4.14
N ALA A 105 11.74 -6.75 5.16
CA ALA A 105 12.76 -7.08 6.16
C ALA A 105 13.73 -8.12 5.62
N LYS A 106 13.21 -9.08 4.86
CA LYS A 106 14.03 -10.14 4.29
C LYS A 106 14.89 -9.61 3.15
N MET A 107 14.64 -8.37 2.76
CA MET A 107 15.40 -7.74 1.68
C MET A 107 16.89 -7.81 1.95
N PRO A 108 17.68 -8.13 0.91
CA PRO A 108 19.13 -8.24 1.01
C PRO A 108 19.80 -6.88 1.21
N ASP A 109 20.68 -6.82 2.22
CA ASP A 109 21.39 -5.58 2.52
C ASP A 109 22.72 -5.52 1.79
N SER A 1 20.77 2.64 -5.16
CA SER A 1 20.22 2.18 -6.43
C SER A 1 19.79 0.71 -6.35
N GLU A 2 20.72 -0.14 -5.91
CA GLU A 2 20.44 -1.56 -5.78
C GLU A 2 19.24 -1.80 -4.88
N GLN A 3 19.18 -1.08 -3.77
CA GLN A 3 18.08 -1.21 -2.82
C GLN A 3 16.76 -0.79 -3.45
N LEU A 4 16.81 0.26 -4.27
CA LEU A 4 15.62 0.76 -4.95
C LEU A 4 15.02 -0.29 -5.85
N LYS A 5 15.88 -1.03 -6.55
CA LYS A 5 15.43 -2.08 -7.45
C LYS A 5 14.64 -3.15 -6.71
N CYS A 6 15.06 -3.43 -5.47
CA CYS A 6 14.39 -4.43 -4.64
C CYS A 6 12.94 -4.03 -4.37
N CYS A 7 12.72 -2.73 -4.17
CA CYS A 7 11.38 -2.22 -3.90
C CYS A 7 10.40 -2.66 -4.98
N SER A 8 10.86 -2.65 -6.23
CA SER A 8 10.02 -3.04 -7.36
C SER A 8 9.58 -4.50 -7.23
N GLY A 9 10.49 -5.34 -6.77
CA GLY A 9 10.18 -6.75 -6.61
C GLY A 9 9.14 -7.00 -5.53
N ILE A 10 9.31 -6.35 -4.39
CA ILE A 10 8.39 -6.50 -3.28
C ILE A 10 6.98 -6.05 -3.67
N LEU A 11 6.90 -4.91 -4.35
CA LEU A 11 5.63 -4.37 -4.79
C LEU A 11 5.01 -5.25 -5.88
N LYS A 12 5.86 -5.79 -6.73
CA LYS A 12 5.40 -6.65 -7.82
C LYS A 12 4.71 -7.90 -7.28
N GLU A 13 5.26 -8.45 -6.21
CA GLU A 13 4.68 -9.65 -5.59
C GLU A 13 3.31 -9.36 -5.03
N MET A 14 3.16 -8.20 -4.38
CA MET A 14 1.88 -7.81 -3.79
C MET A 14 0.79 -7.78 -4.85
N PHE A 15 1.17 -7.48 -6.09
CA PHE A 15 0.22 -7.41 -7.19
C PHE A 15 -0.06 -8.81 -7.74
N ALA A 16 0.87 -9.73 -7.53
CA ALA A 16 0.72 -11.09 -8.02
C ALA A 16 -0.63 -11.68 -7.61
N LYS A 17 -1.00 -12.78 -8.23
CA LYS A 17 -2.27 -13.44 -7.95
C LYS A 17 -2.19 -14.25 -6.65
N LYS A 18 -1.00 -14.28 -6.06
CA LYS A 18 -0.79 -15.01 -4.81
C LYS A 18 -1.39 -14.27 -3.63
N HIS A 19 -1.34 -12.94 -3.69
CA HIS A 19 -1.89 -12.11 -2.61
C HIS A 19 -3.04 -11.26 -3.12
N ALA A 20 -3.33 -11.37 -4.42
CA ALA A 20 -4.41 -10.61 -5.02
C ALA A 20 -5.75 -10.91 -4.36
N ALA A 21 -5.81 -12.04 -3.66
CA ALA A 21 -7.03 -12.45 -2.96
C ALA A 21 -7.39 -11.45 -1.87
N TYR A 22 -6.39 -10.84 -1.26
CA TYR A 22 -6.60 -9.86 -0.20
C TYR A 22 -5.76 -8.61 -0.43
N ALA A 23 -5.29 -8.44 -1.66
CA ALA A 23 -4.48 -7.28 -2.02
C ALA A 23 -5.07 -6.56 -3.23
N TRP A 24 -6.25 -6.99 -3.65
CA TRP A 24 -6.91 -6.38 -4.81
C TRP A 24 -7.51 -5.02 -4.43
N PRO A 25 -7.92 -4.89 -3.17
CA PRO A 25 -8.52 -3.64 -2.66
C PRO A 25 -7.50 -2.51 -2.56
N PHE A 26 -6.23 -2.83 -2.80
CA PHE A 26 -5.17 -1.84 -2.73
C PHE A 26 -4.48 -1.70 -4.09
N TYR A 27 -5.17 -2.11 -5.14
CA TYR A 27 -4.62 -2.03 -6.50
C TYR A 27 -4.71 -0.61 -7.05
N LYS A 28 -5.93 -0.09 -7.12
CA LYS A 28 -6.16 1.26 -7.61
C LYS A 28 -6.50 2.21 -6.47
N PRO A 29 -6.40 3.52 -6.74
CA PRO A 29 -6.71 4.57 -5.75
C PRO A 29 -8.19 4.64 -5.43
N VAL A 30 -8.52 4.75 -4.15
CA VAL A 30 -9.91 4.85 -3.71
C VAL A 30 -10.62 6.00 -4.40
N ASP A 31 -11.70 5.67 -5.12
CA ASP A 31 -12.48 6.69 -5.82
C ASP A 31 -13.62 7.20 -4.95
N VAL A 32 -13.39 8.32 -4.29
CA VAL A 32 -14.40 8.92 -3.42
C VAL A 32 -15.69 9.20 -4.18
N GLU A 33 -15.58 9.33 -5.51
CA GLU A 33 -16.73 9.59 -6.35
C GLU A 33 -17.41 8.29 -6.78
N ALA A 34 -16.63 7.40 -7.39
CA ALA A 34 -17.17 6.12 -7.84
C ALA A 34 -17.66 5.28 -6.66
N LEU A 35 -16.82 5.15 -5.64
CA LEU A 35 -17.18 4.39 -4.46
C LEU A 35 -18.30 5.07 -3.68
N GLY A 36 -18.38 6.38 -3.79
CA GLY A 36 -19.41 7.13 -3.10
C GLY A 36 -19.01 7.51 -1.69
N LEU A 37 -17.72 7.75 -1.49
CA LEU A 37 -17.20 8.11 -0.18
C LEU A 37 -17.11 9.63 -0.02
N HIS A 38 -18.18 10.23 0.49
CA HIS A 38 -18.21 11.67 0.69
C HIS A 38 -17.64 12.05 2.06
N ASP A 39 -16.79 11.19 2.60
CA ASP A 39 -16.17 11.43 3.90
C ASP A 39 -14.75 10.87 3.94
N TYR A 40 -14.21 10.58 2.77
CA TYR A 40 -12.85 10.04 2.66
C TYR A 40 -11.82 11.16 2.60
N CYS A 41 -12.19 12.25 1.93
CA CYS A 41 -11.30 13.40 1.78
C CYS A 41 -11.16 14.14 3.11
N ASP A 42 -12.23 14.18 3.88
CA ASP A 42 -12.24 14.87 5.16
C ASP A 42 -11.35 14.14 6.17
N ILE A 43 -11.37 12.81 6.10
CA ILE A 43 -10.56 11.99 7.00
C ILE A 43 -9.14 11.81 6.47
N ILE A 44 -9.04 11.31 5.25
CA ILE A 44 -7.74 11.09 4.62
C ILE A 44 -7.30 12.32 3.82
N LYS A 45 -6.16 12.88 4.20
CA LYS A 45 -5.62 14.05 3.53
C LYS A 45 -4.50 13.66 2.55
N HIS A 46 -3.75 12.62 2.90
CA HIS A 46 -2.67 12.15 2.07
C HIS A 46 -2.89 10.69 1.66
N PRO A 47 -3.78 10.48 0.68
CA PRO A 47 -4.10 9.14 0.17
C PRO A 47 -2.94 8.53 -0.61
N MET A 48 -3.01 7.20 -0.81
CA MET A 48 -1.97 6.50 -1.55
C MET A 48 -2.43 5.09 -1.90
N ASP A 49 -1.88 4.56 -2.99
CA ASP A 49 -2.24 3.21 -3.44
C ASP A 49 -1.03 2.52 -4.07
N MET A 50 -1.18 1.22 -4.33
CA MET A 50 -0.10 0.45 -4.94
C MET A 50 0.22 0.95 -6.35
N SER A 51 -0.83 1.24 -7.11
CA SER A 51 -0.66 1.73 -8.48
C SER A 51 0.16 3.02 -8.50
N THR A 52 -0.13 3.90 -7.55
CA THR A 52 0.58 5.18 -7.47
C THR A 52 2.05 4.97 -7.09
N ILE A 53 2.28 4.15 -6.08
CA ILE A 53 3.64 3.85 -5.62
C ILE A 53 4.48 3.27 -6.75
N LYS A 54 3.86 2.46 -7.60
CA LYS A 54 4.54 1.84 -8.72
C LYS A 54 4.97 2.87 -9.74
N SER A 55 4.09 3.85 -9.99
CA SER A 55 4.38 4.90 -10.96
C SER A 55 5.51 5.81 -10.45
N LYS A 56 5.52 6.05 -9.14
CA LYS A 56 6.54 6.89 -8.53
C LYS A 56 7.92 6.25 -8.65
N LEU A 57 7.96 4.92 -8.55
CA LEU A 57 9.22 4.19 -8.66
C LEU A 57 9.76 4.24 -10.08
N GLU A 58 8.86 4.20 -11.05
CA GLU A 58 9.25 4.24 -12.46
C GLU A 58 9.86 5.59 -12.82
N ALA A 59 9.34 6.65 -12.20
CA ALA A 59 9.83 8.00 -12.45
C ALA A 59 10.97 8.35 -11.50
N ARG A 60 11.50 7.35 -10.81
CA ARG A 60 12.59 7.56 -9.87
C ARG A 60 12.28 8.71 -8.93
N GLU A 61 11.07 8.71 -8.37
CA GLU A 61 10.65 9.76 -7.45
C GLU A 61 11.23 9.51 -6.05
N TYR A 62 11.31 8.25 -5.67
CA TYR A 62 11.84 7.88 -4.36
C TYR A 62 13.36 8.00 -4.33
N ARG A 63 13.87 8.62 -3.27
CA ARG A 63 15.31 8.81 -3.12
C ARG A 63 15.97 7.55 -2.56
N ASP A 64 15.39 7.01 -1.49
CA ASP A 64 15.91 5.80 -0.85
C ASP A 64 14.79 4.79 -0.61
N ALA A 65 15.18 3.61 -0.15
CA ALA A 65 14.21 2.55 0.12
C ALA A 65 13.28 2.94 1.27
N GLN A 66 13.81 3.68 2.23
CA GLN A 66 13.03 4.12 3.38
C GLN A 66 11.80 4.90 2.94
N GLU A 67 11.99 5.81 1.98
CA GLU A 67 10.89 6.62 1.46
C GLU A 67 9.81 5.74 0.84
N PHE A 68 10.24 4.68 0.16
CA PHE A 68 9.32 3.76 -0.49
C PHE A 68 8.39 3.11 0.53
N GLY A 69 8.94 2.81 1.71
CA GLY A 69 8.15 2.18 2.75
C GLY A 69 7.16 3.14 3.38
N ALA A 70 7.54 4.41 3.46
CA ALA A 70 6.67 5.42 4.05
C ALA A 70 5.32 5.48 3.34
N ASP A 71 5.34 5.35 2.01
CA ASP A 71 4.13 5.39 1.22
C ASP A 71 3.33 4.09 1.41
N VAL A 72 4.03 2.97 1.43
CA VAL A 72 3.38 1.67 1.59
C VAL A 72 2.62 1.61 2.91
N ARG A 73 3.25 2.08 3.98
CA ARG A 73 2.64 2.08 5.30
C ARG A 73 1.51 3.10 5.37
N LEU A 74 1.69 4.23 4.71
CA LEU A 74 0.68 5.29 4.70
C LEU A 74 -0.61 4.80 4.07
N MET A 75 -0.48 3.94 3.06
CA MET A 75 -1.65 3.40 2.37
C MET A 75 -2.49 2.55 3.31
N PHE A 76 -1.82 1.84 4.22
CA PHE A 76 -2.52 0.98 5.17
C PHE A 76 -3.11 1.82 6.31
N SER A 77 -2.36 2.84 6.73
CA SER A 77 -2.81 3.71 7.82
C SER A 77 -4.13 4.38 7.47
N ASN A 78 -4.24 4.87 6.24
CA ASN A 78 -5.46 5.52 5.79
C ASN A 78 -6.66 4.59 5.86
N CYS A 79 -6.41 3.30 5.63
CA CYS A 79 -7.47 2.29 5.67
C CYS A 79 -7.91 2.02 7.10
N TYR A 80 -6.93 1.91 8.01
CA TYR A 80 -7.22 1.66 9.40
C TYR A 80 -7.88 2.86 10.06
N LYS A 81 -7.61 4.04 9.51
CA LYS A 81 -8.18 5.27 10.05
C LYS A 81 -9.59 5.50 9.50
N TYR A 82 -9.75 5.32 8.20
CA TYR A 82 -11.06 5.50 7.56
C TYR A 82 -12.02 4.40 7.98
N ASN A 83 -11.74 3.18 7.56
CA ASN A 83 -12.59 2.04 7.89
C ASN A 83 -12.38 1.60 9.35
N PRO A 84 -13.42 1.00 9.93
CA PRO A 84 -13.38 0.53 11.32
C PRO A 84 -12.45 -0.66 11.50
N PRO A 85 -12.09 -0.96 12.76
CA PRO A 85 -11.21 -2.08 13.10
C PRO A 85 -11.87 -3.43 12.86
N ASP A 86 -13.20 -3.45 12.90
CA ASP A 86 -13.96 -4.67 12.68
C ASP A 86 -14.38 -4.81 11.23
N HIS A 87 -13.67 -4.13 10.34
CA HIS A 87 -13.98 -4.16 8.92
C HIS A 87 -13.17 -5.25 8.22
N GLU A 88 -13.79 -5.91 7.23
CA GLU A 88 -13.12 -6.96 6.49
C GLU A 88 -11.87 -6.45 5.79
N VAL A 89 -12.00 -5.28 5.15
CA VAL A 89 -10.88 -4.68 4.43
C VAL A 89 -9.64 -4.57 5.33
N VAL A 90 -9.88 -4.37 6.62
CA VAL A 90 -8.79 -4.25 7.59
C VAL A 90 -8.02 -5.57 7.70
N ALA A 91 -8.75 -6.67 7.77
CA ALA A 91 -8.13 -7.98 7.87
C ALA A 91 -7.24 -8.28 6.67
N MET A 92 -7.66 -7.81 5.50
CA MET A 92 -6.91 -8.02 4.27
C MET A 92 -5.66 -7.14 4.25
N ALA A 93 -5.78 -5.94 4.80
CA ALA A 93 -4.65 -5.00 4.84
C ALA A 93 -3.51 -5.56 5.69
N ARG A 94 -3.86 -6.14 6.83
CA ARG A 94 -2.87 -6.71 7.74
C ARG A 94 -2.09 -7.84 7.05
N LYS A 95 -2.79 -8.61 6.23
CA LYS A 95 -2.16 -9.71 5.51
C LYS A 95 -1.11 -9.21 4.52
N LEU A 96 -1.48 -8.21 3.73
CA LEU A 96 -0.58 -7.63 2.75
C LEU A 96 0.58 -6.91 3.44
N GLN A 97 0.28 -6.24 4.55
CA GLN A 97 1.29 -5.51 5.31
C GLN A 97 2.37 -6.45 5.81
N ASP A 98 1.95 -7.59 6.34
CA ASP A 98 2.88 -8.59 6.87
C ASP A 98 3.82 -9.09 5.78
N VAL A 99 3.30 -9.24 4.57
CA VAL A 99 4.09 -9.71 3.44
C VAL A 99 5.12 -8.66 3.02
N PHE A 100 4.73 -7.39 3.13
CA PHE A 100 5.62 -6.28 2.76
C PHE A 100 6.67 -6.04 3.85
N GLU A 101 6.24 -6.09 5.10
CA GLU A 101 7.13 -5.88 6.22
C GLU A 101 8.22 -6.95 6.27
N MET A 102 7.85 -8.19 5.97
CA MET A 102 8.79 -9.30 5.97
C MET A 102 9.80 -9.16 4.84
N ARG A 103 9.29 -8.96 3.62
CA ARG A 103 10.16 -8.81 2.46
C ARG A 103 11.03 -7.57 2.59
N PHE A 104 10.44 -6.47 3.04
CA PHE A 104 11.17 -5.21 3.21
C PHE A 104 12.33 -5.39 4.19
N ALA A 105 12.09 -6.17 5.25
CA ALA A 105 13.11 -6.42 6.26
C ALA A 105 14.12 -7.45 5.77
N LYS A 106 13.64 -8.45 5.03
CA LYS A 106 14.50 -9.50 4.51
C LYS A 106 15.35 -8.98 3.36
N MET A 107 15.06 -7.76 2.91
CA MET A 107 15.80 -7.15 1.82
C MET A 107 17.30 -7.16 2.10
N PRO A 108 18.09 -7.49 1.08
CA PRO A 108 19.55 -7.54 1.19
C PRO A 108 20.18 -6.16 1.35
N ASP A 109 21.04 -6.03 2.35
CA ASP A 109 21.72 -4.76 2.61
C ASP A 109 23.05 -4.69 1.88
N SER A 1 20.75 2.72 -4.38
CA SER A 1 20.23 2.29 -5.67
C SER A 1 19.80 0.82 -5.63
N GLU A 2 20.72 -0.04 -5.19
CA GLU A 2 20.43 -1.46 -5.10
C GLU A 2 19.21 -1.72 -4.23
N GLN A 3 19.13 -1.02 -3.10
CA GLN A 3 18.01 -1.18 -2.18
C GLN A 3 16.71 -0.73 -2.83
N LEU A 4 16.78 0.34 -3.62
CA LEU A 4 15.60 0.87 -4.30
C LEU A 4 15.02 -0.17 -5.25
N LYS A 5 15.88 -0.91 -5.94
CA LYS A 5 15.45 -1.94 -6.87
C LYS A 5 14.64 -3.02 -6.17
N CYS A 6 15.04 -3.33 -4.93
CA CYS A 6 14.35 -4.33 -4.14
C CYS A 6 12.90 -3.94 -3.89
N CYS A 7 12.68 -2.65 -3.66
CA CYS A 7 11.33 -2.14 -3.40
C CYS A 7 10.37 -2.55 -4.50
N SER A 8 10.85 -2.51 -5.75
CA SER A 8 10.04 -2.87 -6.90
C SER A 8 9.58 -4.32 -6.81
N GLY A 9 10.50 -5.19 -6.36
CA GLY A 9 10.17 -6.61 -6.23
C GLY A 9 9.11 -6.87 -5.18
N ILE A 10 9.27 -6.24 -4.02
CA ILE A 10 8.31 -6.42 -2.93
C ILE A 10 6.92 -5.95 -3.33
N LEU A 11 6.86 -4.79 -3.99
CA LEU A 11 5.58 -4.24 -4.44
C LEU A 11 4.99 -5.09 -5.56
N LYS A 12 5.86 -5.63 -6.42
CA LYS A 12 5.42 -6.45 -7.53
C LYS A 12 4.71 -7.71 -7.03
N GLU A 13 5.23 -8.29 -5.96
CA GLU A 13 4.66 -9.50 -5.39
C GLU A 13 3.25 -9.22 -4.84
N MET A 14 3.11 -8.08 -4.17
CA MET A 14 1.82 -7.70 -3.60
C MET A 14 0.74 -7.63 -4.67
N PHE A 15 1.15 -7.31 -5.89
CA PHE A 15 0.21 -7.22 -7.01
C PHE A 15 -0.06 -8.59 -7.61
N ALA A 16 0.87 -9.52 -7.40
CA ALA A 16 0.72 -10.87 -7.90
C ALA A 16 -0.64 -11.45 -7.55
N LYS A 17 -1.00 -12.56 -8.20
CA LYS A 17 -2.28 -13.21 -7.95
C LYS A 17 -2.22 -14.05 -6.67
N LYS A 18 -1.04 -14.10 -6.06
CA LYS A 18 -0.84 -14.86 -4.83
C LYS A 18 -1.47 -14.14 -3.64
N HIS A 19 -1.43 -12.82 -3.67
CA HIS A 19 -1.99 -12.01 -2.58
C HIS A 19 -3.12 -11.14 -3.10
N ALA A 20 -3.39 -11.22 -4.39
CA ALA A 20 -4.47 -10.44 -5.00
C ALA A 20 -5.81 -10.76 -4.37
N ALA A 21 -5.88 -11.90 -3.69
CA ALA A 21 -7.12 -12.32 -3.04
C ALA A 21 -7.50 -11.35 -1.92
N TYR A 22 -6.49 -10.75 -1.29
CA TYR A 22 -6.72 -9.80 -0.21
C TYR A 22 -5.89 -8.54 -0.39
N ALA A 23 -5.39 -8.35 -1.62
CA ALA A 23 -4.58 -7.18 -1.92
C ALA A 23 -5.13 -6.43 -3.13
N TRP A 24 -6.31 -6.84 -3.59
CA TRP A 24 -6.95 -6.21 -4.74
C TRP A 24 -7.55 -4.86 -4.35
N PRO A 25 -7.98 -4.76 -3.08
CA PRO A 25 -8.59 -3.52 -2.56
C PRO A 25 -7.57 -2.40 -2.41
N PHE A 26 -6.30 -2.71 -2.63
CA PHE A 26 -5.23 -1.73 -2.53
C PHE A 26 -4.51 -1.56 -3.87
N TYR A 27 -5.19 -1.95 -4.95
CA TYR A 27 -4.61 -1.83 -6.29
C TYR A 27 -4.69 -0.40 -6.80
N LYS A 28 -5.91 0.13 -6.88
CA LYS A 28 -6.12 1.49 -7.36
C LYS A 28 -6.49 2.42 -6.20
N PRO A 29 -6.38 3.74 -6.43
CA PRO A 29 -6.70 4.75 -5.43
C PRO A 29 -8.20 4.83 -5.13
N VAL A 30 -8.54 4.91 -3.85
CA VAL A 30 -9.94 5.00 -3.44
C VAL A 30 -10.64 6.17 -4.12
N ASP A 31 -11.70 5.87 -4.85
CA ASP A 31 -12.46 6.89 -5.56
C ASP A 31 -13.62 7.39 -4.69
N VAL A 32 -13.40 8.50 -4.00
CA VAL A 32 -14.42 9.08 -3.14
C VAL A 32 -15.69 9.38 -3.92
N GLU A 33 -15.55 9.54 -5.24
CA GLU A 33 -16.69 9.82 -6.10
C GLU A 33 -17.36 8.54 -6.56
N ALA A 34 -16.58 7.66 -7.18
CA ALA A 34 -17.11 6.39 -7.67
C ALA A 34 -17.62 5.53 -6.52
N LEU A 35 -16.81 5.38 -5.48
CA LEU A 35 -17.20 4.57 -4.33
C LEU A 35 -18.32 5.24 -3.55
N GLY A 36 -18.40 6.57 -3.64
CA GLY A 36 -19.45 7.30 -2.95
C GLY A 36 -19.06 7.63 -1.52
N LEU A 37 -17.78 7.87 -1.29
CA LEU A 37 -17.28 8.20 0.04
C LEU A 37 -17.19 9.71 0.22
N HIS A 38 -18.25 10.31 0.74
CA HIS A 38 -18.29 11.75 0.97
C HIS A 38 -17.75 12.09 2.35
N ASP A 39 -16.91 11.21 2.89
CA ASP A 39 -16.32 11.42 4.21
C ASP A 39 -14.90 10.86 4.26
N TYR A 40 -14.33 10.59 3.09
CA TYR A 40 -12.98 10.05 3.01
C TYR A 40 -11.94 11.17 2.97
N CYS A 41 -12.29 12.27 2.33
CA CYS A 41 -11.40 13.42 2.23
C CYS A 41 -11.28 14.14 3.57
N ASP A 42 -12.38 14.16 4.32
CA ASP A 42 -12.40 14.82 5.62
C ASP A 42 -11.53 14.06 6.62
N ILE A 43 -11.54 12.73 6.53
CA ILE A 43 -10.76 11.89 7.43
C ILE A 43 -9.34 11.72 6.92
N ILE A 44 -9.21 11.26 5.68
CA ILE A 44 -7.90 11.05 5.08
C ILE A 44 -7.44 12.29 4.32
N LYS A 45 -6.31 12.83 4.72
CA LYS A 45 -5.75 14.02 4.08
C LYS A 45 -4.62 13.65 3.12
N HIS A 46 -3.88 12.59 3.47
CA HIS A 46 -2.78 12.13 2.64
C HIS A 46 -2.99 10.69 2.20
N PRO A 47 -3.86 10.51 1.19
CA PRO A 47 -4.18 9.18 0.66
C PRO A 47 -3.02 8.58 -0.12
N MET A 48 -3.08 7.27 -0.36
CA MET A 48 -2.03 6.57 -1.09
C MET A 48 -2.49 5.17 -1.49
N ASP A 49 -1.93 4.66 -2.59
CA ASP A 49 -2.27 3.33 -3.07
C ASP A 49 -1.05 2.65 -3.69
N MET A 50 -1.19 1.36 -3.99
CA MET A 50 -0.11 0.59 -4.59
C MET A 50 0.23 1.12 -5.98
N SER A 51 -0.80 1.44 -6.75
CA SER A 51 -0.61 1.95 -8.10
C SER A 51 0.21 3.25 -8.08
N THR A 52 -0.08 4.11 -7.12
CA THR A 52 0.63 5.38 -6.99
C THR A 52 2.08 5.15 -6.60
N ILE A 53 2.30 4.30 -5.60
CA ILE A 53 3.64 4.00 -5.12
C ILE A 53 4.50 3.44 -6.25
N LYS A 54 3.88 2.66 -7.13
CA LYS A 54 4.60 2.05 -8.25
C LYS A 54 5.04 3.12 -9.24
N SER A 55 4.18 4.09 -9.50
CA SER A 55 4.49 5.17 -10.42
C SER A 55 5.61 6.05 -9.87
N LYS A 56 5.60 6.27 -8.56
CA LYS A 56 6.60 7.09 -7.91
C LYS A 56 7.99 6.45 -8.02
N LEU A 57 8.02 5.13 -7.95
CA LEU A 57 9.28 4.39 -8.05
C LEU A 57 9.85 4.47 -9.46
N GLU A 58 8.96 4.46 -10.45
CA GLU A 58 9.38 4.53 -11.85
C GLU A 58 10.00 5.89 -12.16
N ALA A 59 9.48 6.93 -11.53
CA ALA A 59 9.96 8.28 -11.74
C ALA A 59 11.09 8.61 -10.77
N ARG A 60 11.60 7.59 -10.08
CA ARG A 60 12.68 7.78 -9.12
C ARG A 60 12.36 8.91 -8.15
N GLU A 61 11.15 8.90 -7.62
CA GLU A 61 10.71 9.92 -6.68
C GLU A 61 11.25 9.65 -5.28
N TYR A 62 11.33 8.37 -4.93
CA TYR A 62 11.83 7.97 -3.62
C TYR A 62 13.35 8.08 -3.56
N ARG A 63 13.85 8.68 -2.48
CA ARG A 63 15.28 8.85 -2.30
C ARG A 63 15.92 7.58 -1.75
N ASP A 64 15.32 7.03 -0.71
CA ASP A 64 15.82 5.81 -0.10
C ASP A 64 14.70 4.79 0.10
N ALA A 65 15.07 3.59 0.55
CA ALA A 65 14.10 2.53 0.78
C ALA A 65 13.15 2.90 1.92
N GLN A 66 13.67 3.62 2.91
CA GLN A 66 12.87 4.03 4.05
C GLN A 66 11.65 4.82 3.60
N GLU A 67 11.86 5.75 2.67
CA GLU A 67 10.77 6.58 2.15
C GLU A 67 9.71 5.71 1.49
N PHE A 68 10.14 4.68 0.79
CA PHE A 68 9.23 3.77 0.10
C PHE A 68 8.28 3.10 1.10
N GLY A 69 8.80 2.76 2.27
CA GLY A 69 8.00 2.12 3.29
C GLY A 69 6.99 3.07 3.92
N ALA A 70 7.37 4.34 4.04
CA ALA A 70 6.50 5.34 4.64
C ALA A 70 5.17 5.41 3.90
N ASP A 71 5.21 5.33 2.57
CA ASP A 71 4.01 5.37 1.76
C ASP A 71 3.21 4.09 1.90
N VAL A 72 3.89 2.96 1.90
CA VAL A 72 3.25 1.66 2.04
C VAL A 72 2.46 1.56 3.34
N ARG A 73 3.08 2.02 4.42
CA ARG A 73 2.44 1.98 5.74
C ARG A 73 1.30 3.01 5.81
N LEU A 74 1.50 4.15 5.18
CA LEU A 74 0.51 5.21 5.17
C LEU A 74 -0.78 4.75 4.50
N MET A 75 -0.63 3.91 3.48
CA MET A 75 -1.78 3.38 2.76
C MET A 75 -2.66 2.52 3.66
N PHE A 76 -2.01 1.78 4.56
CA PHE A 76 -2.72 0.91 5.50
C PHE A 76 -3.32 1.71 6.64
N SER A 77 -2.59 2.72 7.09
CA SER A 77 -3.05 3.57 8.19
C SER A 77 -4.37 4.26 7.83
N ASN A 78 -4.45 4.76 6.62
CA ASN A 78 -5.66 5.45 6.16
C ASN A 78 -6.86 4.50 6.18
N CYS A 79 -6.61 3.22 5.92
CA CYS A 79 -7.67 2.22 5.92
C CYS A 79 -8.13 1.92 7.33
N TYR A 80 -7.18 1.79 8.26
CA TYR A 80 -7.49 1.50 9.65
C TYR A 80 -8.16 2.70 10.32
N LYS A 81 -7.88 3.88 9.80
CA LYS A 81 -8.46 5.10 10.36
C LYS A 81 -9.86 5.34 9.79
N TYR A 82 -10.00 5.20 8.49
CA TYR A 82 -11.29 5.40 7.82
C TYR A 82 -12.26 4.29 8.20
N ASN A 83 -11.97 3.08 7.76
CA ASN A 83 -12.83 1.93 8.04
C ASN A 83 -12.65 1.47 9.49
N PRO A 84 -13.70 0.85 10.05
CA PRO A 84 -13.69 0.35 11.43
C PRO A 84 -12.76 -0.86 11.60
N PRO A 85 -12.44 -1.18 12.86
CA PRO A 85 -11.56 -2.31 13.18
C PRO A 85 -12.22 -3.65 12.90
N ASP A 86 -13.55 -3.66 12.91
CA ASP A 86 -14.31 -4.88 12.66
C ASP A 86 -14.71 -4.99 11.19
N HIS A 87 -13.98 -4.28 10.33
CA HIS A 87 -14.26 -4.29 8.90
C HIS A 87 -13.44 -5.37 8.20
N GLU A 88 -14.04 -5.99 7.18
CA GLU A 88 -13.36 -7.04 6.43
C GLU A 88 -12.10 -6.51 5.76
N VAL A 89 -12.22 -5.33 5.15
CA VAL A 89 -11.08 -4.71 4.46
C VAL A 89 -9.87 -4.63 5.39
N VAL A 90 -10.12 -4.45 6.69
CA VAL A 90 -9.05 -4.36 7.67
C VAL A 90 -8.28 -5.67 7.76
N ALA A 91 -9.01 -6.79 7.80
CA ALA A 91 -8.40 -8.10 7.88
C ALA A 91 -7.50 -8.36 6.68
N MET A 92 -7.90 -7.87 5.51
CA MET A 92 -7.12 -8.05 4.30
C MET A 92 -5.87 -7.18 4.32
N ALA A 93 -5.98 -5.99 4.90
CA ALA A 93 -4.87 -5.06 4.98
C ALA A 93 -3.74 -5.65 5.84
N ARG A 94 -4.11 -6.25 6.96
CA ARG A 94 -3.13 -6.84 7.87
C ARG A 94 -2.36 -7.96 7.17
N LYS A 95 -3.04 -8.70 6.31
CA LYS A 95 -2.40 -9.80 5.58
C LYS A 95 -1.34 -9.27 4.63
N LEU A 96 -1.69 -8.25 3.86
CA LEU A 96 -0.75 -7.65 2.91
C LEU A 96 0.39 -6.95 3.63
N GLN A 97 0.07 -6.31 4.75
CA GLN A 97 1.07 -5.60 5.53
C GLN A 97 2.13 -6.56 6.05
N ASP A 98 1.70 -7.72 6.54
CA ASP A 98 2.62 -8.71 7.06
C ASP A 98 3.58 -9.19 5.98
N VAL A 99 3.08 -9.32 4.76
CA VAL A 99 3.89 -9.76 3.63
C VAL A 99 4.92 -8.71 3.26
N PHE A 100 4.55 -7.44 3.39
CA PHE A 100 5.44 -6.33 3.06
C PHE A 100 6.47 -6.13 4.17
N GLU A 101 6.01 -6.20 5.42
CA GLU A 101 6.89 -6.02 6.56
C GLU A 101 7.98 -7.08 6.60
N MET A 102 7.60 -8.32 6.26
CA MET A 102 8.54 -9.43 6.26
C MET A 102 9.57 -9.26 5.15
N ARG A 103 9.09 -9.04 3.93
CA ARG A 103 9.98 -8.86 2.77
C ARG A 103 10.86 -7.63 2.96
N PHE A 104 10.25 -6.54 3.43
CA PHE A 104 10.98 -5.30 3.64
C PHE A 104 12.12 -5.49 4.64
N ALA A 105 11.87 -6.29 5.66
CA ALA A 105 12.87 -6.56 6.68
C ALA A 105 13.88 -7.59 6.19
N LYS A 106 13.41 -8.57 5.43
CA LYS A 106 14.28 -9.62 4.89
C LYS A 106 15.15 -9.07 3.77
N MET A 107 14.88 -7.84 3.35
CA MET A 107 15.64 -7.21 2.28
C MET A 107 17.13 -7.23 2.60
N PRO A 108 17.94 -7.54 1.57
CA PRO A 108 19.41 -7.61 1.71
C PRO A 108 20.02 -6.23 1.92
N ASP A 109 20.88 -6.13 2.94
CA ASP A 109 21.54 -4.86 3.25
C ASP A 109 22.89 -4.77 2.54
N SER A 1 20.77 1.95 -4.59
CA SER A 1 20.23 1.54 -5.87
C SER A 1 19.76 0.10 -5.83
N GLU A 2 20.65 -0.80 -5.40
CA GLU A 2 20.32 -2.21 -5.31
C GLU A 2 19.09 -2.44 -4.43
N GLN A 3 19.05 -1.73 -3.30
CA GLN A 3 17.92 -1.85 -2.37
C GLN A 3 16.63 -1.37 -3.02
N LEU A 4 16.73 -0.30 -3.81
CA LEU A 4 15.57 0.26 -4.48
C LEU A 4 14.94 -0.76 -5.43
N LYS A 5 15.79 -1.50 -6.12
CA LYS A 5 15.32 -2.52 -7.06
C LYS A 5 14.48 -3.58 -6.34
N CYS A 6 14.87 -3.90 -5.11
CA CYS A 6 14.16 -4.90 -4.33
C CYS A 6 12.72 -4.45 -4.07
N CYS A 7 12.53 -3.16 -3.83
CA CYS A 7 11.22 -2.61 -3.57
C CYS A 7 10.24 -2.98 -4.67
N SER A 8 10.71 -2.96 -5.91
CA SER A 8 9.87 -3.30 -7.06
C SER A 8 9.38 -4.73 -6.98
N GLY A 9 10.26 -5.62 -6.53
CA GLY A 9 9.90 -7.03 -6.41
C GLY A 9 8.84 -7.26 -5.34
N ILE A 10 9.01 -6.64 -4.19
CA ILE A 10 8.07 -6.79 -3.09
C ILE A 10 6.69 -6.28 -3.49
N LEU A 11 6.65 -5.13 -4.15
CA LEU A 11 5.40 -4.54 -4.59
C LEU A 11 4.77 -5.35 -5.71
N LYS A 12 5.62 -5.92 -6.57
CA LYS A 12 5.14 -6.74 -7.68
C LYS A 12 4.40 -7.96 -7.18
N GLU A 13 4.91 -8.57 -6.11
CA GLU A 13 4.30 -9.75 -5.54
C GLU A 13 2.91 -9.43 -4.98
N MET A 14 2.80 -8.29 -4.31
CA MET A 14 1.54 -7.88 -3.73
C MET A 14 0.45 -7.78 -4.80
N PHE A 15 0.86 -7.46 -6.02
CA PHE A 15 -0.06 -7.33 -7.14
C PHE A 15 -0.40 -8.70 -7.74
N ALA A 16 0.51 -9.65 -7.53
CA ALA A 16 0.32 -11.00 -8.04
C ALA A 16 -1.06 -11.54 -7.67
N LYS A 17 -1.46 -12.63 -8.33
CA LYS A 17 -2.75 -13.25 -8.07
C LYS A 17 -2.72 -14.09 -6.80
N LYS A 18 -1.54 -14.18 -6.19
CA LYS A 18 -1.36 -14.95 -4.97
C LYS A 18 -1.95 -14.22 -3.77
N HIS A 19 -1.87 -12.88 -3.80
CA HIS A 19 -2.40 -12.07 -2.71
C HIS A 19 -3.52 -11.16 -3.22
N ALA A 20 -3.79 -11.23 -4.51
CA ALA A 20 -4.84 -10.41 -5.12
C ALA A 20 -6.19 -10.69 -4.47
N ALA A 21 -6.30 -11.83 -3.80
CA ALA A 21 -7.55 -12.21 -3.14
C ALA A 21 -7.89 -11.24 -2.02
N TYR A 22 -6.86 -10.67 -1.40
CA TYR A 22 -7.06 -9.72 -0.30
C TYR A 22 -6.18 -8.48 -0.49
N ALA A 23 -5.69 -8.30 -1.71
CA ALA A 23 -4.84 -7.16 -2.03
C ALA A 23 -5.38 -6.39 -3.23
N TRP A 24 -6.56 -6.77 -3.68
CA TRP A 24 -7.19 -6.11 -4.82
C TRP A 24 -7.75 -4.75 -4.43
N PRO A 25 -8.17 -4.63 -3.16
CA PRO A 25 -8.73 -3.38 -2.63
C PRO A 25 -7.68 -2.29 -2.49
N PHE A 26 -6.42 -2.64 -2.72
CA PHE A 26 -5.33 -1.69 -2.62
C PHE A 26 -4.62 -1.54 -3.96
N TYR A 27 -5.30 -1.90 -5.03
CA TYR A 27 -4.73 -1.81 -6.38
C TYR A 27 -4.76 -0.37 -6.88
N LYS A 28 -5.96 0.20 -6.96
CA LYS A 28 -6.14 1.56 -7.43
C LYS A 28 -6.47 2.51 -6.27
N PRO A 29 -6.32 3.81 -6.50
CA PRO A 29 -6.60 4.84 -5.49
C PRO A 29 -8.10 4.95 -5.19
N VAL A 30 -8.44 5.05 -3.91
CA VAL A 30 -9.83 5.19 -3.49
C VAL A 30 -10.49 6.38 -4.16
N ASP A 31 -11.57 6.11 -4.89
CA ASP A 31 -12.30 7.16 -5.59
C ASP A 31 -13.44 7.69 -4.72
N VAL A 32 -13.18 8.79 -4.03
CA VAL A 32 -14.18 9.40 -3.15
C VAL A 32 -15.45 9.74 -3.94
N GLU A 33 -15.30 9.89 -5.25
CA GLU A 33 -16.44 10.22 -6.11
C GLU A 33 -17.16 8.95 -6.57
N ALA A 34 -16.41 8.05 -7.19
CA ALA A 34 -16.96 6.80 -7.68
C ALA A 34 -17.52 5.95 -6.54
N LEU A 35 -16.69 5.77 -5.51
CA LEU A 35 -17.10 4.98 -4.34
C LEU A 35 -18.21 5.68 -3.56
N GLY A 36 -18.24 7.01 -3.66
CA GLY A 36 -19.26 7.77 -2.95
C GLY A 36 -18.86 8.10 -1.52
N LEU A 37 -17.57 8.29 -1.30
CA LEU A 37 -17.05 8.61 0.03
C LEU A 37 -16.91 10.11 0.22
N HIS A 38 -17.96 10.74 0.74
CA HIS A 38 -17.94 12.18 0.97
C HIS A 38 -17.38 12.50 2.36
N ASP A 39 -16.57 11.59 2.88
CA ASP A 39 -15.97 11.78 4.20
C ASP A 39 -14.57 11.19 4.25
N TYR A 40 -14.01 10.89 3.07
CA TYR A 40 -12.68 10.31 2.98
C TYR A 40 -11.61 11.40 2.94
N CYS A 41 -11.94 12.51 2.31
CA CYS A 41 -11.00 13.63 2.20
C CYS A 41 -10.85 14.34 3.54
N ASP A 42 -11.94 14.40 4.30
CA ASP A 42 -11.94 15.05 5.60
C ASP A 42 -11.09 14.26 6.60
N ILE A 43 -11.15 12.94 6.50
CA ILE A 43 -10.40 12.07 7.40
C ILE A 43 -8.98 11.86 6.88
N ILE A 44 -8.86 11.40 5.64
CA ILE A 44 -7.57 11.14 5.02
C ILE A 44 -7.08 12.38 4.26
N LYS A 45 -5.91 12.88 4.66
CA LYS A 45 -5.33 14.06 4.03
C LYS A 45 -4.22 13.65 3.07
N HIS A 46 -3.51 12.57 3.40
CA HIS A 46 -2.43 12.08 2.57
C HIS A 46 -2.69 10.65 2.12
N PRO A 47 -3.57 10.49 1.12
CA PRO A 47 -3.93 9.17 0.59
C PRO A 47 -2.78 8.54 -0.20
N MET A 48 -2.89 7.23 -0.44
CA MET A 48 -1.86 6.51 -1.18
C MET A 48 -2.36 5.12 -1.58
N ASP A 49 -1.83 4.60 -2.67
CA ASP A 49 -2.22 3.28 -3.16
C ASP A 49 -1.03 2.56 -3.79
N MET A 50 -1.21 1.28 -4.09
CA MET A 50 -0.15 0.47 -4.70
C MET A 50 0.21 1.00 -6.08
N SER A 51 -0.82 1.35 -6.85
CA SER A 51 -0.62 1.86 -8.20
C SER A 51 0.24 3.12 -8.18
N THR A 52 -0.02 4.00 -7.22
CA THR A 52 0.72 5.24 -7.09
C THR A 52 2.18 4.97 -6.70
N ILE A 53 2.37 4.11 -5.70
CA ILE A 53 3.70 3.77 -5.24
C ILE A 53 4.55 3.18 -6.38
N LYS A 54 3.90 2.42 -7.25
CA LYS A 54 4.58 1.80 -8.37
C LYS A 54 5.06 2.85 -9.36
N SER A 55 4.23 3.86 -9.61
CA SER A 55 4.56 4.92 -10.54
C SER A 55 5.71 5.77 -10.00
N LYS A 56 5.71 5.98 -8.69
CA LYS A 56 6.75 6.77 -8.04
C LYS A 56 8.11 6.10 -8.16
N LEU A 57 8.11 4.77 -8.09
CA LEU A 57 9.34 3.99 -8.19
C LEU A 57 9.90 4.06 -9.61
N GLU A 58 9.02 4.08 -10.59
CA GLU A 58 9.43 4.13 -12.00
C GLU A 58 10.08 5.48 -12.31
N ALA A 59 9.59 6.53 -11.67
CA ALA A 59 10.14 7.87 -11.88
C ALA A 59 11.28 8.17 -10.91
N ARG A 60 11.76 7.13 -10.24
CA ARG A 60 12.84 7.27 -9.28
C ARG A 60 12.55 8.41 -8.31
N GLU A 61 11.35 8.44 -7.77
CA GLU A 61 10.94 9.47 -6.82
C GLU A 61 11.48 9.18 -5.43
N TYR A 62 11.53 7.89 -5.07
CA TYR A 62 12.02 7.49 -3.77
C TYR A 62 13.54 7.55 -3.71
N ARG A 63 14.06 8.13 -2.63
CA ARG A 63 15.51 8.26 -2.46
C ARG A 63 16.11 6.96 -1.92
N ASP A 64 15.49 6.42 -0.87
CA ASP A 64 15.96 5.18 -0.27
C ASP A 64 14.81 4.20 -0.06
N ALA A 65 15.15 2.99 0.38
CA ALA A 65 14.15 1.96 0.61
C ALA A 65 13.22 2.36 1.75
N GLN A 66 13.76 3.06 2.74
CA GLN A 66 12.98 3.50 3.89
C GLN A 66 11.78 4.33 3.45
N GLU A 67 12.01 5.25 2.52
CA GLU A 67 10.95 6.10 2.01
C GLU A 67 9.86 5.28 1.34
N PHE A 68 10.25 4.23 0.65
CA PHE A 68 9.30 3.36 -0.04
C PHE A 68 8.34 2.71 0.95
N GLY A 69 8.87 2.36 2.12
CA GLY A 69 8.04 1.74 3.15
C GLY A 69 7.07 2.71 3.79
N ALA A 70 7.49 3.97 3.90
CA ALA A 70 6.65 5.00 4.50
C ALA A 70 5.32 5.11 3.78
N ASP A 71 5.35 5.03 2.45
CA ASP A 71 4.15 5.12 1.64
C ASP A 71 3.30 3.85 1.78
N VAL A 72 3.96 2.70 1.78
CA VAL A 72 3.27 1.42 1.91
C VAL A 72 2.49 1.35 3.22
N ARG A 73 3.13 1.78 4.31
CA ARG A 73 2.49 1.76 5.62
C ARG A 73 1.39 2.82 5.70
N LEU A 74 1.63 3.96 5.07
CA LEU A 74 0.65 5.05 5.08
C LEU A 74 -0.65 4.62 4.41
N MET A 75 -0.53 3.78 3.38
CA MET A 75 -1.70 3.30 2.66
C MET A 75 -2.59 2.46 3.57
N PHE A 76 -1.97 1.70 4.47
CA PHE A 76 -2.70 0.85 5.39
C PHE A 76 -3.27 1.67 6.54
N SER A 77 -2.51 2.66 7.00
CA SER A 77 -2.93 3.51 8.10
C SER A 77 -4.23 4.24 7.75
N ASN A 78 -4.30 4.75 6.54
CA ASN A 78 -5.49 5.47 6.09
C ASN A 78 -6.72 4.56 6.11
N CYS A 79 -6.50 3.29 5.85
CA CYS A 79 -7.60 2.32 5.85
C CYS A 79 -8.07 2.03 7.27
N TYR A 80 -7.12 1.86 8.19
CA TYR A 80 -7.43 1.58 9.58
C TYR A 80 -8.06 2.79 10.25
N LYS A 81 -7.74 3.97 9.74
CA LYS A 81 -8.27 5.21 10.30
C LYS A 81 -9.67 5.50 9.74
N TYR A 82 -9.82 5.35 8.44
CA TYR A 82 -11.11 5.59 7.78
C TYR A 82 -12.12 4.52 8.16
N ASN A 83 -11.86 3.29 7.71
CA ASN A 83 -12.77 2.18 8.01
C ASN A 83 -12.59 1.71 9.44
N PRO A 84 -13.66 1.12 10.01
CA PRO A 84 -13.66 0.62 11.38
C PRO A 84 -12.77 -0.62 11.55
N PRO A 85 -12.45 -0.95 12.80
CA PRO A 85 -11.60 -2.11 13.12
C PRO A 85 -12.30 -3.43 12.85
N ASP A 86 -13.63 -3.41 12.86
CA ASP A 86 -14.42 -4.60 12.60
C ASP A 86 -14.83 -4.68 11.14
N HIS A 87 -14.08 -4.00 10.28
CA HIS A 87 -14.37 -3.99 8.84
C HIS A 87 -13.59 -5.09 8.14
N GLU A 88 -14.22 -5.70 7.13
CA GLU A 88 -13.58 -6.76 6.37
C GLU A 88 -12.30 -6.27 5.70
N VAL A 89 -12.38 -5.09 5.09
CA VAL A 89 -11.23 -4.50 4.41
C VAL A 89 -10.01 -4.46 5.32
N VAL A 90 -10.26 -4.28 6.61
CA VAL A 90 -9.18 -4.23 7.59
C VAL A 90 -8.45 -5.57 7.68
N ALA A 91 -9.21 -6.66 7.71
CA ALA A 91 -8.64 -7.99 7.80
C ALA A 91 -7.75 -8.28 6.59
N MET A 92 -8.14 -7.76 5.43
CA MET A 92 -7.38 -7.97 4.21
C MET A 92 -6.10 -7.14 4.22
N ALA A 93 -6.18 -5.94 4.80
CA ALA A 93 -5.03 -5.05 4.89
C ALA A 93 -3.92 -5.66 5.74
N ARG A 94 -4.30 -6.27 6.86
CA ARG A 94 -3.34 -6.89 7.76
C ARG A 94 -2.60 -8.02 7.06
N LYS A 95 -3.31 -8.74 6.20
CA LYS A 95 -2.71 -9.86 5.46
C LYS A 95 -1.63 -9.36 4.51
N LEU A 96 -1.95 -8.33 3.74
CA LEU A 96 -1.01 -7.76 2.78
C LEU A 96 0.15 -7.10 3.51
N GLN A 97 -0.13 -6.45 4.62
CA GLN A 97 0.89 -5.77 5.41
C GLN A 97 1.92 -6.77 5.92
N ASP A 98 1.46 -7.91 6.40
CA ASP A 98 2.35 -8.94 6.92
C ASP A 98 3.29 -9.44 5.83
N VAL A 99 2.78 -9.55 4.61
CA VAL A 99 3.58 -10.02 3.49
C VAL A 99 4.64 -8.99 3.10
N PHE A 100 4.29 -7.72 3.24
CA PHE A 100 5.23 -6.64 2.91
C PHE A 100 6.26 -6.46 4.02
N GLU A 101 5.81 -6.52 5.27
CA GLU A 101 6.70 -6.37 6.41
C GLU A 101 7.75 -7.47 6.43
N MET A 102 7.33 -8.69 6.10
CA MET A 102 8.24 -9.83 6.08
C MET A 102 9.27 -9.69 4.97
N ARG A 103 8.79 -9.45 3.76
CA ARG A 103 9.68 -9.30 2.60
C ARG A 103 10.60 -8.09 2.78
N PHE A 104 10.03 -6.99 3.26
CA PHE A 104 10.80 -5.76 3.47
C PHE A 104 11.93 -6.01 4.46
N ALA A 105 11.66 -6.79 5.49
CA ALA A 105 12.66 -7.11 6.50
C ALA A 105 13.65 -8.16 6.00
N LYS A 106 13.13 -9.12 5.23
CA LYS A 106 13.96 -10.19 4.70
C LYS A 106 14.84 -9.67 3.56
N MET A 107 14.60 -8.43 3.15
CA MET A 107 15.39 -7.82 2.08
C MET A 107 16.88 -7.89 2.39
N PRO A 108 17.67 -8.22 1.36
CA PRO A 108 19.13 -8.34 1.50
C PRO A 108 19.80 -6.98 1.71
N ASP A 109 20.66 -6.90 2.72
CA ASP A 109 21.36 -5.66 3.02
C ASP A 109 22.71 -5.61 2.31
N SER A 1 20.54 2.68 -4.44
CA SER A 1 20.01 2.28 -5.74
C SER A 1 19.57 0.81 -5.72
N GLU A 2 20.48 -0.07 -5.30
CA GLU A 2 20.19 -1.49 -5.23
C GLU A 2 18.98 -1.76 -4.36
N GLN A 3 18.92 -1.08 -3.22
CA GLN A 3 17.80 -1.24 -2.29
C GLN A 3 16.49 -0.78 -2.92
N LEU A 4 16.56 0.30 -3.70
CA LEU A 4 15.38 0.84 -4.36
C LEU A 4 14.79 -0.19 -5.33
N LYS A 5 15.65 -0.90 -6.03
CA LYS A 5 15.20 -1.92 -6.98
C LYS A 5 14.40 -3.01 -6.28
N CYS A 6 14.80 -3.34 -5.06
CA CYS A 6 14.12 -4.37 -4.28
C CYS A 6 12.67 -3.97 -4.01
N CYS A 7 12.45 -2.68 -3.77
CA CYS A 7 11.11 -2.17 -3.48
C CYS A 7 10.14 -2.57 -4.59
N SER A 8 10.62 -2.51 -5.83
CA SER A 8 9.79 -2.85 -6.98
C SER A 8 9.34 -4.30 -6.92
N GLY A 9 10.24 -5.17 -6.49
CA GLY A 9 9.92 -6.58 -6.38
C GLY A 9 8.87 -6.86 -5.33
N ILE A 10 9.03 -6.26 -4.16
CA ILE A 10 8.09 -6.45 -3.06
C ILE A 10 6.69 -5.97 -3.45
N LEU A 11 6.62 -4.81 -4.09
CA LEU A 11 5.35 -4.24 -4.52
C LEU A 11 4.74 -5.07 -5.65
N LYS A 12 5.60 -5.59 -6.52
CA LYS A 12 5.15 -6.40 -7.65
C LYS A 12 4.45 -7.66 -7.16
N GLU A 13 4.99 -8.27 -6.10
CA GLU A 13 4.40 -9.48 -5.55
C GLU A 13 3.01 -9.21 -4.98
N MET A 14 2.86 -8.09 -4.30
CA MET A 14 1.59 -7.71 -3.71
C MET A 14 0.50 -7.62 -4.77
N PHE A 15 0.90 -7.28 -5.99
CA PHE A 15 -0.04 -7.16 -7.10
C PHE A 15 -0.33 -8.53 -7.72
N ALA A 16 0.60 -9.46 -7.53
CA ALA A 16 0.45 -10.81 -8.06
C ALA A 16 -0.91 -11.39 -7.70
N LYS A 17 -1.28 -12.48 -8.37
CA LYS A 17 -2.56 -13.14 -8.13
C LYS A 17 -2.48 -14.00 -6.87
N LYS A 18 -1.31 -14.06 -6.26
CA LYS A 18 -1.11 -14.84 -5.04
C LYS A 18 -1.72 -14.15 -3.83
N HIS A 19 -1.67 -12.82 -3.84
CA HIS A 19 -2.23 -12.03 -2.74
C HIS A 19 -3.37 -11.14 -3.23
N ALA A 20 -3.64 -11.21 -4.53
CA ALA A 20 -4.71 -10.42 -5.12
C ALA A 20 -6.06 -10.74 -4.47
N ALA A 21 -6.13 -11.88 -3.82
CA ALA A 21 -7.36 -12.31 -3.16
C ALA A 21 -7.74 -11.36 -2.03
N TYR A 22 -6.72 -10.78 -1.40
CA TYR A 22 -6.94 -9.85 -0.29
C TYR A 22 -6.10 -8.59 -0.47
N ALA A 23 -5.61 -8.37 -1.69
CA ALA A 23 -4.80 -7.21 -1.98
C ALA A 23 -5.36 -6.43 -3.17
N TRP A 24 -6.54 -6.84 -3.62
CA TRP A 24 -7.18 -6.19 -4.76
C TRP A 24 -7.79 -4.84 -4.34
N PRO A 25 -8.21 -4.75 -3.07
CA PRO A 25 -8.80 -3.52 -2.52
C PRO A 25 -7.78 -2.40 -2.36
N PHE A 26 -6.51 -2.72 -2.60
CA PHE A 26 -5.45 -1.74 -2.49
C PHE A 26 -4.74 -1.55 -3.83
N TYR A 27 -5.42 -1.91 -4.91
CA TYR A 27 -4.86 -1.78 -6.25
C TYR A 27 -4.93 -0.34 -6.74
N LYS A 28 -6.15 0.19 -6.80
CA LYS A 28 -6.36 1.57 -7.25
C LYS A 28 -6.72 2.47 -6.07
N PRO A 29 -6.61 3.79 -6.29
CA PRO A 29 -6.92 4.78 -5.26
C PRO A 29 -8.41 4.86 -4.96
N VAL A 30 -8.75 4.93 -3.68
CA VAL A 30 -10.14 5.01 -3.25
C VAL A 30 -10.84 6.19 -3.90
N ASP A 31 -11.91 5.91 -4.64
CA ASP A 31 -12.68 6.95 -5.31
C ASP A 31 -13.83 7.44 -4.43
N VAL A 32 -13.60 8.53 -3.73
CA VAL A 32 -14.62 9.10 -2.84
C VAL A 32 -15.89 9.42 -3.61
N GLU A 33 -15.75 9.58 -4.92
CA GLU A 33 -16.90 9.90 -5.77
C GLU A 33 -17.58 8.63 -6.25
N ALA A 34 -16.81 7.75 -6.90
CA ALA A 34 -17.33 6.49 -7.40
C ALA A 34 -17.85 5.61 -6.27
N LEU A 35 -17.03 5.44 -5.24
CA LEU A 35 -17.40 4.62 -4.09
C LEU A 35 -18.54 5.27 -3.30
N GLY A 36 -18.59 6.60 -3.37
CA GLY A 36 -19.64 7.32 -2.65
C GLY A 36 -19.25 7.64 -1.23
N LEU A 37 -17.95 7.87 -1.00
CA LEU A 37 -17.46 8.17 0.34
C LEU A 37 -17.35 9.68 0.55
N HIS A 38 -18.42 10.27 1.08
CA HIS A 38 -18.45 11.71 1.34
C HIS A 38 -17.90 12.02 2.72
N ASP A 39 -17.05 11.13 3.24
CA ASP A 39 -16.45 11.32 4.55
C ASP A 39 -15.03 10.75 4.59
N TYR A 40 -14.47 10.50 3.41
CA TYR A 40 -13.13 9.96 3.31
C TYR A 40 -12.09 11.08 3.29
N CYS A 41 -12.44 12.19 2.67
CA CYS A 41 -11.54 13.33 2.57
C CYS A 41 -11.41 14.03 3.92
N ASP A 42 -12.50 14.04 4.68
CA ASP A 42 -12.51 14.68 5.99
C ASP A 42 -11.64 13.90 6.98
N ILE A 43 -11.66 12.58 6.86
CA ILE A 43 -10.88 11.72 7.74
C ILE A 43 -9.45 11.55 7.21
N ILE A 44 -9.34 11.11 5.97
CA ILE A 44 -8.04 10.91 5.35
C ILE A 44 -7.57 12.16 4.62
N LYS A 45 -6.43 12.70 5.01
CA LYS A 45 -5.88 13.89 4.39
C LYS A 45 -4.76 13.54 3.43
N HIS A 46 -4.02 12.47 3.74
CA HIS A 46 -2.92 12.03 2.90
C HIS A 46 -3.14 10.59 2.43
N PRO A 47 -4.02 10.43 1.43
CA PRO A 47 -4.35 9.11 0.88
C PRO A 47 -3.19 8.52 0.08
N MET A 48 -3.26 7.21 -0.18
CA MET A 48 -2.22 6.52 -0.93
C MET A 48 -2.67 5.13 -1.35
N ASP A 49 -2.12 4.64 -2.45
CA ASP A 49 -2.48 3.32 -2.96
C ASP A 49 -1.27 2.64 -3.60
N MET A 50 -1.41 1.36 -3.92
CA MET A 50 -0.33 0.60 -4.54
C MET A 50 0.00 1.16 -5.93
N SER A 51 -1.04 1.49 -6.69
CA SER A 51 -0.85 2.03 -8.03
C SER A 51 -0.02 3.31 -8.00
N THR A 52 -0.32 4.16 -7.01
CA THR A 52 0.40 5.43 -6.87
C THR A 52 1.85 5.20 -6.49
N ILE A 53 2.07 4.32 -5.51
CA ILE A 53 3.42 4.01 -5.04
C ILE A 53 4.27 3.47 -6.18
N LYS A 54 3.65 2.70 -7.07
CA LYS A 54 4.35 2.12 -8.21
C LYS A 54 4.80 3.20 -9.18
N SER A 55 3.93 4.18 -9.41
CA SER A 55 4.23 5.27 -10.33
C SER A 55 5.36 6.14 -9.77
N LYS A 56 5.36 6.34 -8.45
CA LYS A 56 6.38 7.15 -7.80
C LYS A 56 7.75 6.51 -7.93
N LEU A 57 7.79 5.17 -7.89
CA LEU A 57 9.04 4.44 -8.00
C LEU A 57 9.60 4.54 -9.41
N GLU A 58 8.72 4.55 -10.40
CA GLU A 58 9.12 4.64 -11.80
C GLU A 58 9.73 6.01 -12.09
N ALA A 59 9.21 7.03 -11.44
CA ALA A 59 9.71 8.39 -11.63
C ALA A 59 10.84 8.71 -10.66
N ARG A 60 11.36 7.67 -10.00
CA ARG A 60 12.45 7.83 -9.05
C ARG A 60 12.13 8.95 -8.06
N GLU A 61 10.92 8.93 -7.51
CA GLU A 61 10.49 9.95 -6.55
C GLU A 61 11.04 9.64 -5.16
N TYR A 62 11.12 8.36 -4.83
CA TYR A 62 11.63 7.94 -3.53
C TYR A 62 13.15 8.05 -3.47
N ARG A 63 13.65 8.63 -2.39
CA ARG A 63 15.10 8.79 -2.22
C ARG A 63 15.74 7.51 -1.70
N ASP A 64 15.14 6.93 -0.66
CA ASP A 64 15.65 5.70 -0.07
C ASP A 64 14.53 4.69 0.12
N ALA A 65 14.89 3.48 0.54
CA ALA A 65 13.91 2.42 0.76
C ALA A 65 12.98 2.77 1.91
N GLN A 66 13.51 3.47 2.91
CA GLN A 66 12.72 3.87 4.06
C GLN A 66 11.49 4.67 3.63
N GLU A 67 11.69 5.61 2.72
CA GLU A 67 10.62 6.44 2.22
C GLU A 67 9.53 5.60 1.55
N PHE A 68 9.97 4.57 0.83
CA PHE A 68 9.04 3.68 0.14
C PHE A 68 8.10 2.99 1.12
N GLY A 69 8.63 2.64 2.29
CA GLY A 69 7.84 1.98 3.30
C GLY A 69 6.84 2.92 3.96
N ALA A 70 7.22 4.18 4.09
CA ALA A 70 6.35 5.18 4.71
C ALA A 70 5.01 5.26 3.98
N ASP A 71 5.06 5.20 2.66
CA ASP A 71 3.84 5.27 1.86
C ASP A 71 3.04 3.98 1.98
N VAL A 72 3.72 2.84 1.96
CA VAL A 72 3.08 1.55 2.08
C VAL A 72 2.30 1.43 3.39
N ARG A 73 2.92 1.86 4.47
CA ARG A 73 2.29 1.81 5.78
C ARG A 73 1.16 2.83 5.89
N LEU A 74 1.36 3.99 5.28
CA LEU A 74 0.36 5.06 5.30
C LEU A 74 -0.94 4.60 4.62
N MET A 75 -0.79 3.77 3.58
CA MET A 75 -1.95 3.27 2.86
C MET A 75 -2.81 2.39 3.76
N PHE A 76 -2.17 1.64 4.63
CA PHE A 76 -2.87 0.76 5.56
C PHE A 76 -3.46 1.53 6.73
N SER A 77 -2.73 2.55 7.19
CA SER A 77 -3.18 3.37 8.31
C SER A 77 -4.50 4.06 7.98
N ASN A 78 -4.58 4.59 6.77
CA ASN A 78 -5.79 5.28 6.32
C ASN A 78 -6.99 4.34 6.34
N CYS A 79 -6.75 3.07 6.06
CA CYS A 79 -7.81 2.07 6.04
C CYS A 79 -8.27 1.74 7.47
N TYR A 80 -7.31 1.59 8.37
CA TYR A 80 -7.62 1.28 9.76
C TYR A 80 -8.28 2.46 10.45
N LYS A 81 -8.00 3.66 9.97
CA LYS A 81 -8.57 4.88 10.53
C LYS A 81 -9.96 5.13 9.99
N TYR A 82 -10.12 5.00 8.67
CA TYR A 82 -11.40 5.22 8.03
C TYR A 82 -12.39 4.11 8.39
N ASN A 83 -12.11 2.90 7.93
CA ASN A 83 -12.96 1.75 8.20
C ASN A 83 -12.78 1.26 9.64
N PRO A 84 -13.82 0.64 10.20
CA PRO A 84 -13.80 0.12 11.56
C PRO A 84 -12.87 -1.10 11.70
N PRO A 85 -12.54 -1.44 12.96
CA PRO A 85 -11.67 -2.58 13.25
C PRO A 85 -12.33 -3.92 12.96
N ASP A 86 -13.66 -3.92 12.97
CA ASP A 86 -14.42 -5.14 12.70
C ASP A 86 -14.83 -5.21 11.24
N HIS A 87 -14.11 -4.50 10.39
CA HIS A 87 -14.39 -4.48 8.96
C HIS A 87 -13.59 -5.55 8.23
N GLU A 88 -14.20 -6.15 7.21
CA GLU A 88 -13.53 -7.19 6.43
C GLU A 88 -12.27 -6.64 5.77
N VAL A 89 -12.39 -5.46 5.17
CA VAL A 89 -11.26 -4.83 4.50
C VAL A 89 -10.03 -4.77 5.41
N VAL A 90 -10.28 -4.62 6.71
CA VAL A 90 -9.21 -4.55 7.69
C VAL A 90 -8.43 -5.86 7.76
N ALA A 91 -9.17 -6.97 7.77
CA ALA A 91 -8.56 -8.29 7.83
C ALA A 91 -7.66 -8.54 6.62
N MET A 92 -8.07 -8.02 5.48
CA MET A 92 -7.30 -8.18 4.24
C MET A 92 -6.05 -7.31 4.28
N ALA A 93 -6.16 -6.13 4.87
CA ALA A 93 -5.04 -5.21 4.96
C ALA A 93 -3.90 -5.80 5.80
N ARG A 94 -4.28 -6.43 6.91
CA ARG A 94 -3.29 -7.04 7.80
C ARG A 94 -2.51 -8.14 7.09
N LYS A 95 -3.21 -8.87 6.21
CA LYS A 95 -2.58 -9.95 5.46
C LYS A 95 -1.52 -9.42 4.51
N LEU A 96 -1.87 -8.38 3.76
CA LEU A 96 -0.95 -7.77 2.81
C LEU A 96 0.20 -7.08 3.54
N GLN A 97 -0.11 -6.46 4.67
CA GLN A 97 0.91 -5.76 5.47
C GLN A 97 1.97 -6.73 5.96
N ASP A 98 1.53 -7.90 6.42
CA ASP A 98 2.45 -8.91 6.93
C ASP A 98 3.41 -9.37 5.83
N VAL A 99 2.89 -9.47 4.61
CA VAL A 99 3.70 -9.90 3.47
C VAL A 99 4.73 -8.84 3.11
N PHE A 100 4.36 -7.58 3.26
CA PHE A 100 5.25 -6.47 2.94
C PHE A 100 6.29 -6.27 4.05
N GLU A 101 5.84 -6.38 5.30
CA GLU A 101 6.73 -6.21 6.45
C GLU A 101 7.81 -7.28 6.45
N MET A 102 7.43 -8.51 6.10
CA MET A 102 8.36 -9.63 6.07
C MET A 102 9.40 -9.43 4.95
N ARG A 103 8.91 -9.19 3.74
CA ARG A 103 9.78 -9.00 2.59
C ARG A 103 10.67 -7.77 2.78
N PHE A 104 10.07 -6.69 3.28
CA PHE A 104 10.80 -5.45 3.51
C PHE A 104 11.95 -5.67 4.49
N ALA A 105 11.70 -6.49 5.50
CA ALA A 105 12.71 -6.78 6.51
C ALA A 105 13.71 -7.80 6.00
N LYS A 106 13.23 -8.77 5.22
CA LYS A 106 14.09 -9.80 4.66
C LYS A 106 14.96 -9.24 3.54
N MET A 107 14.69 -8.00 3.15
CA MET A 107 15.44 -7.35 2.08
C MET A 107 16.94 -7.39 2.38
N PRO A 108 17.74 -7.68 1.35
CA PRO A 108 19.20 -7.75 1.48
C PRO A 108 19.83 -6.37 1.71
N ASP A 109 20.69 -6.28 2.71
CA ASP A 109 21.36 -5.03 3.05
C ASP A 109 22.71 -4.94 2.33
N SER A 1 20.69 2.34 -4.02
CA SER A 1 20.17 1.90 -5.31
C SER A 1 19.74 0.45 -5.25
N GLU A 2 20.65 -0.42 -4.80
CA GLU A 2 20.35 -1.85 -4.70
C GLU A 2 19.11 -2.09 -3.84
N GLN A 3 19.04 -1.37 -2.72
CA GLN A 3 17.91 -1.51 -1.81
C GLN A 3 16.61 -1.06 -2.47
N LEU A 4 16.70 -0.01 -3.27
CA LEU A 4 15.53 0.51 -3.97
C LEU A 4 14.94 -0.53 -4.91
N LYS A 5 15.81 -1.27 -5.59
CA LYS A 5 15.38 -2.30 -6.52
C LYS A 5 14.57 -3.38 -5.80
N CYS A 6 14.94 -3.67 -4.56
CA CYS A 6 14.24 -4.68 -3.78
C CYS A 6 12.79 -4.27 -3.53
N CYS A 7 12.58 -2.98 -3.33
CA CYS A 7 11.24 -2.46 -3.07
C CYS A 7 10.28 -2.88 -4.19
N SER A 8 10.77 -2.85 -5.43
CA SER A 8 9.96 -3.21 -6.58
C SER A 8 9.51 -4.68 -6.48
N GLY A 9 10.39 -5.54 -6.01
CA GLY A 9 10.07 -6.94 -5.87
C GLY A 9 9.01 -7.19 -4.83
N ILE A 10 9.15 -6.56 -3.67
CA ILE A 10 8.20 -6.72 -2.59
C ILE A 10 6.81 -6.25 -3.01
N LEU A 11 6.75 -5.10 -3.68
CA LEU A 11 5.48 -4.54 -4.15
C LEU A 11 4.90 -5.39 -5.27
N LYS A 12 5.76 -5.95 -6.11
CA LYS A 12 5.33 -6.78 -7.21
C LYS A 12 4.61 -8.03 -6.72
N GLU A 13 5.12 -8.60 -5.63
CA GLU A 13 4.53 -9.81 -5.05
C GLU A 13 3.13 -9.52 -4.51
N MET A 14 2.98 -8.37 -3.86
CA MET A 14 1.69 -7.97 -3.31
C MET A 14 0.62 -7.91 -4.39
N PHE A 15 1.05 -7.60 -5.61
CA PHE A 15 0.12 -7.51 -6.74
C PHE A 15 -0.16 -8.89 -7.32
N ALA A 16 0.76 -9.82 -7.09
CA ALA A 16 0.61 -11.18 -7.59
C ALA A 16 -0.75 -11.75 -7.23
N LYS A 17 -1.12 -12.86 -7.89
CA LYS A 17 -2.40 -13.51 -7.63
C LYS A 17 -2.35 -14.34 -6.36
N LYS A 18 -1.18 -14.38 -5.73
CA LYS A 18 -1.00 -15.13 -4.49
C LYS A 18 -1.63 -14.40 -3.31
N HIS A 19 -1.58 -13.08 -3.35
CA HIS A 19 -2.14 -12.25 -2.28
C HIS A 19 -3.27 -11.37 -2.81
N ALA A 20 -3.54 -11.48 -4.11
CA ALA A 20 -4.59 -10.69 -4.74
C ALA A 20 -5.94 -11.00 -4.11
N ALA A 21 -6.03 -12.13 -3.42
CA ALA A 21 -7.28 -12.54 -2.77
C ALA A 21 -7.66 -11.55 -1.68
N TYR A 22 -6.66 -10.95 -1.04
CA TYR A 22 -6.89 -9.99 0.03
C TYR A 22 -6.05 -8.75 -0.16
N ALA A 23 -5.54 -8.56 -1.37
CA ALA A 23 -4.72 -7.40 -1.69
C ALA A 23 -5.25 -6.67 -2.91
N TRP A 24 -6.43 -7.07 -3.37
CA TRP A 24 -7.05 -6.44 -4.53
C TRP A 24 -7.65 -5.09 -4.16
N PRO A 25 -8.09 -4.97 -2.91
CA PRO A 25 -8.70 -3.72 -2.39
C PRO A 25 -7.68 -2.60 -2.25
N PHE A 26 -6.41 -2.93 -2.46
CA PHE A 26 -5.34 -1.96 -2.36
C PHE A 26 -4.60 -1.80 -3.70
N TYR A 27 -5.27 -2.18 -4.77
CA TYR A 27 -4.68 -2.10 -6.11
C TYR A 27 -4.75 -0.67 -6.64
N LYS A 28 -5.96 -0.14 -6.73
CA LYS A 28 -6.17 1.23 -7.22
C LYS A 28 -6.54 2.16 -6.07
N PRO A 29 -6.42 3.48 -6.32
CA PRO A 29 -6.74 4.50 -5.33
C PRO A 29 -8.23 4.59 -5.05
N VAL A 30 -8.59 4.70 -3.77
CA VAL A 30 -9.99 4.79 -3.37
C VAL A 30 -10.69 5.96 -4.07
N ASP A 31 -11.74 5.65 -4.82
CA ASP A 31 -12.50 6.68 -5.53
C ASP A 31 -13.66 7.19 -4.69
N VAL A 32 -13.44 8.30 -3.99
CA VAL A 32 -14.47 8.89 -3.15
C VAL A 32 -15.73 9.20 -3.94
N GLU A 33 -15.58 9.33 -5.26
CA GLU A 33 -16.70 9.63 -6.14
C GLU A 33 -17.38 8.33 -6.59
N ALA A 34 -16.60 7.45 -7.20
CA ALA A 34 -17.12 6.18 -7.68
C ALA A 34 -17.66 5.33 -6.53
N LEU A 35 -16.85 5.18 -5.49
CA LEU A 35 -17.25 4.40 -4.32
C LEU A 35 -18.38 5.08 -3.56
N GLY A 36 -18.45 6.40 -3.67
CA GLY A 36 -19.49 7.15 -3.00
C GLY A 36 -19.13 7.49 -1.56
N LEU A 37 -17.84 7.72 -1.32
CA LEU A 37 -17.36 8.07 0.00
C LEU A 37 -17.25 9.58 0.18
N HIS A 38 -18.32 10.19 0.68
CA HIS A 38 -18.36 11.63 0.90
C HIS A 38 -17.82 11.98 2.28
N ASP A 39 -16.99 11.11 2.83
CA ASP A 39 -16.41 11.32 4.15
C ASP A 39 -15.00 10.75 4.22
N TYR A 40 -14.43 10.47 3.06
CA TYR A 40 -13.07 9.92 2.99
C TYR A 40 -12.04 11.04 2.96
N CYS A 41 -12.37 12.13 2.31
CA CYS A 41 -11.46 13.27 2.19
C CYS A 41 -11.36 14.01 3.53
N ASP A 42 -12.46 14.04 4.27
CA ASP A 42 -12.48 14.71 5.56
C ASP A 42 -11.63 13.95 6.58
N ILE A 43 -11.65 12.63 6.50
CA ILE A 43 -10.88 11.80 7.41
C ILE A 43 -9.46 11.61 6.92
N ILE A 44 -9.32 11.13 5.68
CA ILE A 44 -8.01 10.91 5.09
C ILE A 44 -7.53 12.14 4.33
N LYS A 45 -6.40 12.69 4.74
CA LYS A 45 -5.82 13.87 4.09
C LYS A 45 -4.69 13.48 3.15
N HIS A 46 -3.97 12.42 3.51
CA HIS A 46 -2.85 11.95 2.69
C HIS A 46 -3.07 10.50 2.26
N PRO A 47 -3.94 10.31 1.26
CA PRO A 47 -4.25 8.98 0.73
C PRO A 47 -3.09 8.36 -0.03
N MET A 48 -3.16 7.06 -0.26
CA MET A 48 -2.10 6.35 -0.97
C MET A 48 -2.56 4.94 -1.36
N ASP A 49 -1.99 4.42 -2.44
CA ASP A 49 -2.34 3.09 -2.92
C ASP A 49 -1.13 2.39 -3.52
N MET A 50 -1.27 1.11 -3.81
CA MET A 50 -0.19 0.32 -4.39
C MET A 50 0.17 0.84 -5.78
N SER A 51 -0.85 1.15 -6.57
CA SER A 51 -0.64 1.65 -7.92
C SER A 51 0.18 2.93 -7.91
N THR A 52 -0.11 3.81 -6.96
CA THR A 52 0.60 5.07 -6.83
C THR A 52 2.05 4.85 -6.42
N ILE A 53 2.25 4.01 -5.42
CA ILE A 53 3.59 3.71 -4.93
C ILE A 53 4.45 3.12 -6.04
N LYS A 54 3.85 2.34 -6.92
CA LYS A 54 4.56 1.72 -8.02
C LYS A 54 5.03 2.78 -9.02
N SER A 55 4.17 3.75 -9.28
CA SER A 55 4.49 4.82 -10.23
C SER A 55 5.61 5.70 -9.68
N LYS A 56 5.59 5.93 -8.37
CA LYS A 56 6.59 6.75 -7.72
C LYS A 56 7.97 6.11 -7.82
N LEU A 57 8.00 4.78 -7.73
CA LEU A 57 9.26 4.04 -7.81
C LEU A 57 9.84 4.10 -9.21
N GLU A 58 8.96 4.08 -10.22
CA GLU A 58 9.39 4.14 -11.61
C GLU A 58 10.01 5.49 -11.93
N ALA A 59 9.49 6.54 -11.31
CA ALA A 59 10.00 7.89 -11.53
C ALA A 59 11.12 8.23 -10.55
N ARG A 60 11.62 7.21 -9.86
CA ARG A 60 12.69 7.39 -8.88
C ARG A 60 12.36 8.54 -7.93
N GLU A 61 11.14 8.54 -7.41
CA GLU A 61 10.70 9.58 -6.49
C GLU A 61 11.24 9.31 -5.08
N TYR A 62 11.30 8.03 -4.71
CA TYR A 62 11.79 7.65 -3.40
C TYR A 62 13.30 7.76 -3.31
N ARG A 63 13.80 8.35 -2.24
CA ARG A 63 15.23 8.53 -2.05
C ARG A 63 15.86 7.26 -1.48
N ASP A 64 15.25 6.70 -0.44
CA ASP A 64 15.74 5.49 0.19
C ASP A 64 14.61 4.49 0.40
N ALA A 65 14.97 3.29 0.84
CA ALA A 65 13.98 2.24 1.09
C ALA A 65 13.03 2.62 2.21
N GLN A 66 13.55 3.35 3.19
CA GLN A 66 12.74 3.78 4.33
C GLN A 66 11.52 4.58 3.86
N GLU A 67 11.75 5.49 2.92
CA GLU A 67 10.67 6.32 2.38
C GLU A 67 9.60 5.46 1.72
N PHE A 68 10.04 4.41 1.04
CA PHE A 68 9.13 3.50 0.35
C PHE A 68 8.17 2.84 1.34
N GLY A 69 8.68 2.52 2.52
CA GLY A 69 7.85 1.89 3.54
C GLY A 69 6.86 2.84 4.15
N ALA A 70 7.24 4.11 4.27
CA ALA A 70 6.37 5.12 4.84
C ALA A 70 5.04 5.19 4.09
N ASP A 71 5.10 5.10 2.77
CA ASP A 71 3.90 5.14 1.94
C ASP A 71 3.09 3.87 2.09
N VAL A 72 3.78 2.73 2.11
CA VAL A 72 3.12 1.43 2.25
C VAL A 72 2.33 1.36 3.55
N ARG A 73 2.94 1.82 4.64
CA ARG A 73 2.28 1.80 5.93
C ARG A 73 1.15 2.83 6.00
N LEU A 74 1.37 3.97 5.36
CA LEU A 74 0.37 5.03 5.33
C LEU A 74 -0.91 4.56 4.65
N MET A 75 -0.76 3.71 3.64
CA MET A 75 -1.91 3.19 2.91
C MET A 75 -2.79 2.34 3.82
N PHE A 76 -2.16 1.61 4.73
CA PHE A 76 -2.88 0.75 5.66
C PHE A 76 -3.49 1.57 6.80
N SER A 77 -2.76 2.58 7.24
CA SER A 77 -3.22 3.44 8.33
C SER A 77 -4.54 4.13 7.96
N ASN A 78 -4.60 4.63 6.73
CA ASN A 78 -5.80 5.31 6.25
C ASN A 78 -7.01 4.37 6.29
N CYS A 79 -6.76 3.09 6.03
CA CYS A 79 -7.82 2.09 6.03
C CYS A 79 -8.31 1.81 7.45
N TYR A 80 -7.36 1.68 8.37
CA TYR A 80 -7.69 1.41 9.77
C TYR A 80 -8.36 2.60 10.42
N LYS A 81 -8.06 3.80 9.90
CA LYS A 81 -8.64 5.03 10.44
C LYS A 81 -10.03 5.27 9.86
N TYR A 82 -10.16 5.10 8.55
CA TYR A 82 -11.44 5.30 7.88
C TYR A 82 -12.44 4.21 8.25
N ASN A 83 -12.14 2.98 7.82
CA ASN A 83 -13.01 1.85 8.11
C ASN A 83 -12.84 1.40 9.57
N PRO A 84 -13.91 0.79 10.12
CA PRO A 84 -13.90 0.30 11.50
C PRO A 84 -12.99 -0.90 11.69
N PRO A 85 -12.67 -1.22 12.96
CA PRO A 85 -11.81 -2.34 13.30
C PRO A 85 -12.47 -3.68 13.03
N ASP A 86 -13.80 -3.69 13.03
CA ASP A 86 -14.56 -4.92 12.78
C ASP A 86 -14.95 -5.03 11.31
N HIS A 87 -14.20 -4.33 10.46
CA HIS A 87 -14.47 -4.36 9.02
C HIS A 87 -13.66 -5.44 8.33
N GLU A 88 -14.25 -6.07 7.32
CA GLU A 88 -13.57 -7.13 6.58
C GLU A 88 -12.31 -6.61 5.92
N VAL A 89 -12.41 -5.44 5.29
CA VAL A 89 -11.26 -4.83 4.63
C VAL A 89 -10.06 -4.75 5.54
N VAL A 90 -10.32 -4.56 6.83
CA VAL A 90 -9.26 -4.47 7.83
C VAL A 90 -8.50 -5.78 7.94
N ALA A 91 -9.23 -6.89 7.99
CA ALA A 91 -8.63 -8.21 8.08
C ALA A 91 -7.71 -8.49 6.90
N MET A 92 -8.10 -8.01 5.73
CA MET A 92 -7.31 -8.20 4.52
C MET A 92 -6.06 -7.33 4.54
N ALA A 93 -6.18 -6.13 5.11
CA ALA A 93 -5.05 -5.22 5.19
C ALA A 93 -3.95 -5.79 6.07
N ARG A 94 -4.33 -6.39 7.19
CA ARG A 94 -3.36 -6.98 8.11
C ARG A 94 -2.57 -8.10 7.43
N LYS A 95 -3.26 -8.84 6.57
CA LYS A 95 -2.62 -9.96 5.86
C LYS A 95 -1.54 -9.44 4.90
N LEU A 96 -1.88 -8.43 4.13
CA LEU A 96 -0.94 -7.85 3.18
C LEU A 96 0.20 -7.14 3.91
N GLN A 97 -0.12 -6.49 5.01
CA GLN A 97 0.87 -5.78 5.80
C GLN A 97 1.93 -6.74 6.34
N ASP A 98 1.48 -7.89 6.83
CA ASP A 98 2.40 -8.89 7.37
C ASP A 98 3.36 -9.37 6.30
N VAL A 99 2.86 -9.52 5.08
CA VAL A 99 3.69 -9.97 3.96
C VAL A 99 4.73 -8.92 3.58
N PHE A 100 4.36 -7.66 3.71
CA PHE A 100 5.26 -6.56 3.38
C PHE A 100 6.28 -6.33 4.49
N GLU A 101 5.81 -6.41 5.73
CA GLU A 101 6.68 -6.21 6.88
C GLU A 101 7.77 -7.28 6.94
N MET A 102 7.39 -8.52 6.61
CA MET A 102 8.31 -9.64 6.63
C MET A 102 9.36 -9.49 5.53
N ARG A 103 8.90 -9.27 4.30
CA ARG A 103 9.78 -9.11 3.15
C ARG A 103 10.68 -7.88 3.33
N PHE A 104 10.07 -6.78 3.78
CA PHE A 104 10.81 -5.54 3.99
C PHE A 104 11.94 -5.74 5.00
N ALA A 105 11.66 -6.52 6.04
CA ALA A 105 12.67 -6.79 7.07
C ALA A 105 13.67 -7.83 6.60
N LYS A 106 13.20 -8.81 5.84
CA LYS A 106 14.06 -9.87 5.32
C LYS A 106 14.95 -9.34 4.19
N MET A 107 14.68 -8.11 3.76
CA MET A 107 15.47 -7.49 2.69
C MET A 107 16.94 -7.52 3.02
N PRO A 108 17.77 -7.85 2.00
CA PRO A 108 19.23 -7.91 2.16
C PRO A 108 19.85 -6.54 2.36
N ASP A 109 20.70 -6.43 3.38
CA ASP A 109 21.37 -5.17 3.69
C ASP A 109 22.72 -5.09 2.99
#